data_6D6M
#
_entry.id   6D6M
#
_cell.length_a   56.290
_cell.length_b   84.590
_cell.length_c   77.200
_cell.angle_alpha   90.00
_cell.angle_beta   100.95
_cell.angle_gamma   90.00
#
_symmetry.space_group_name_H-M   'P 1 21 1'
#
loop_
_entity.id
_entity.type
_entity.pdbx_description
1 polymer 'Transcriptional activator protein LasR'
2 non-polymer '2,4-dibromo-6-{[(2-nitrobenzene-1-carbonyl)amino]methyl}phenyl 4-bromobenzoate'
3 water water
#
_entity_poly.entity_id   1
_entity_poly.type   'polypeptide(L)'
_entity_poly.pdbx_seq_one_letter_code
;MALVDGFLELERSSGKLEWSAILQKMASDLGFSKILFGLLPKDSQDYENAFIVGNYPAAWREHYDRAGYARVDPTVSHCT
QSVLPIFWEPSIYQTRKQHEFFEEASAAGLVYGLTMPLHGARGELGALSLSVEAENRAEANRFMESVLPTLWMLKDYALQ
SGAGLAFEHP
;
_entity_poly.pdbx_strand_id   A,B,C,D
#
loop_
_chem_comp.id
_chem_comp.type
_chem_comp.name
_chem_comp.formula
TX7 non-polymer '2,4-dibromo-6-{[(2-nitrobenzene-1-carbonyl)amino]methyl}phenyl 4-bromobenzoate' 'C21 H13 Br3 N2 O5'
#
# COMPACT_ATOMS: atom_id res chain seq x y z
N GLY A 6 -8.03 3.51 -11.72
CA GLY A 6 -6.65 3.59 -12.29
C GLY A 6 -6.48 2.70 -13.50
N PHE A 7 -6.32 1.39 -13.26
CA PHE A 7 -6.12 0.43 -14.34
C PHE A 7 -7.40 0.14 -15.11
N LEU A 8 -8.56 0.32 -14.45
CA LEU A 8 -9.85 0.04 -15.06
C LEU A 8 -10.17 0.97 -16.23
N GLU A 9 -9.60 2.17 -16.23
CA GLU A 9 -9.83 3.16 -17.30
C GLU A 9 -9.42 2.66 -18.68
N LEU A 10 -8.42 1.78 -18.73
CA LEU A 10 -8.00 1.16 -19.99
C LEU A 10 -9.14 0.35 -20.62
N GLU A 11 -9.75 -0.55 -19.83
CA GLU A 11 -10.95 -1.29 -20.26
C GLU A 11 -12.13 -0.39 -20.55
N ARG A 12 -12.31 0.60 -19.68
CA ARG A 12 -13.42 1.55 -19.76
C ARG A 12 -13.43 2.34 -21.07
N SER A 13 -12.25 2.52 -21.68
CA SER A 13 -12.13 3.36 -22.88
C SER A 13 -12.59 2.66 -24.14
N SER A 14 -13.02 3.45 -25.11
CA SER A 14 -13.33 2.92 -26.44
C SER A 14 -12.53 3.69 -27.48
N GLY A 15 -11.88 2.94 -28.36
CA GLY A 15 -11.08 3.52 -29.42
C GLY A 15 -9.60 3.44 -29.12
N LYS A 16 -8.83 3.17 -30.18
CA LYS A 16 -7.39 3.05 -30.10
C LYS A 16 -6.70 4.37 -29.69
N LEU A 17 -7.26 5.50 -30.12
CA LEU A 17 -6.72 6.82 -29.75
C LEU A 17 -6.81 7.10 -28.25
N GLU A 18 -7.99 6.85 -27.67
CA GLU A 18 -8.22 7.10 -26.25
C GLU A 18 -7.43 6.13 -25.36
N TRP A 19 -7.42 4.85 -25.73
CA TRP A 19 -6.69 3.82 -25.00
C TRP A 19 -5.19 4.16 -24.95
N SER A 20 -4.63 4.52 -26.10
CA SER A 20 -3.23 4.91 -26.21
C SER A 20 -2.92 6.12 -25.33
N ALA A 21 -3.78 7.15 -25.37
CA ALA A 21 -3.61 8.34 -24.50
C ALA A 21 -3.64 8.03 -23.00
N ILE A 22 -4.50 7.10 -22.60
CA ILE A 22 -4.59 6.67 -21.20
C ILE A 22 -3.29 5.96 -20.78
N LEU A 23 -2.84 5.00 -21.59
CA LEU A 23 -1.59 4.28 -21.32
C LEU A 23 -0.38 5.24 -21.23
N GLN A 24 -0.31 6.18 -22.18
CA GLN A 24 0.73 7.21 -22.22
C GLN A 24 0.76 8.05 -20.96
N LYS A 25 -0.42 8.45 -20.49
CA LYS A 25 -0.55 9.22 -19.25
C LYS A 25 -0.18 8.39 -18.01
N MET A 26 -0.60 7.13 -17.95
CA MET A 26 -0.20 6.25 -16.85
C MET A 26 1.34 6.12 -16.80
N ALA A 27 1.94 5.95 -17.97
CA ALA A 27 3.40 5.80 -18.08
C ALA A 27 4.14 7.07 -17.64
N SER A 28 3.65 8.21 -18.13
CA SER A 28 4.20 9.51 -17.78
C SER A 28 4.17 9.78 -16.28
N ASP A 29 3.04 9.45 -15.65
CA ASP A 29 2.91 9.57 -14.19
C ASP A 29 3.94 8.73 -13.42
N LEU A 30 4.35 7.60 -13.99
CA LEU A 30 5.39 6.76 -13.38
C LEU A 30 6.82 7.20 -13.76
N GLY A 31 6.93 8.25 -14.56
CA GLY A 31 8.21 8.87 -14.91
C GLY A 31 8.74 8.61 -16.32
N PHE A 32 7.92 7.99 -17.18
CA PHE A 32 8.35 7.63 -18.54
C PHE A 32 7.69 8.52 -19.59
N SER A 33 8.48 9.28 -20.33
CA SER A 33 7.89 10.23 -21.27
C SER A 33 7.67 9.64 -22.67
N LYS A 34 8.33 8.52 -22.98
CA LYS A 34 8.14 7.86 -24.27
C LYS A 34 7.84 6.38 -24.06
N ILE A 35 6.76 5.91 -24.70
CA ILE A 35 6.43 4.48 -24.69
C ILE A 35 6.03 3.96 -26.07
N LEU A 36 6.19 2.65 -26.27
CA LEU A 36 5.66 1.96 -27.44
C LEU A 36 5.04 0.61 -27.03
N PHE A 37 3.76 0.43 -27.36
CA PHE A 37 3.06 -0.82 -27.10
C PHE A 37 2.94 -1.51 -28.45
N GLY A 38 3.51 -2.71 -28.54
CA GLY A 38 3.48 -3.46 -29.80
C GLY A 38 2.97 -4.88 -29.58
N LEU A 39 2.03 -5.32 -30.39
CA LEU A 39 1.45 -6.62 -30.19
C LEU A 39 1.18 -7.29 -31.55
N LEU A 40 1.57 -8.57 -31.64
CA LEU A 40 1.36 -9.42 -32.82
C LEU A 40 0.39 -10.57 -32.49
N PRO A 41 -0.45 -10.96 -33.48
CA PRO A 41 -1.31 -12.15 -33.29
C PRO A 41 -0.46 -13.42 -33.17
N LYS A 42 -1.02 -14.47 -32.57
CA LYS A 42 -0.37 -15.79 -32.44
C LYS A 42 0.31 -16.25 -33.75
N ASP A 43 1.56 -16.72 -33.63
CA ASP A 43 2.34 -17.28 -34.75
C ASP A 43 2.49 -16.38 -35.99
N SER A 44 2.52 -15.07 -35.78
CA SER A 44 2.77 -14.11 -36.86
C SER A 44 4.09 -14.38 -37.56
N GLN A 45 4.08 -14.25 -38.87
CA GLN A 45 5.24 -14.51 -39.71
C GLN A 45 5.88 -13.22 -40.21
N ASP A 46 5.16 -12.11 -40.03
CA ASP A 46 5.68 -10.78 -40.34
C ASP A 46 5.05 -9.73 -39.43
N TYR A 47 5.20 -8.46 -39.77
CA TYR A 47 4.67 -7.35 -38.97
C TYR A 47 3.43 -6.71 -39.58
N GLU A 48 2.92 -7.30 -40.67
CA GLU A 48 1.76 -6.75 -41.37
C GLU A 48 0.51 -6.62 -40.50
N ASN A 49 0.36 -7.52 -39.54
CA ASN A 49 -0.86 -7.56 -38.72
C ASN A 49 -0.64 -7.08 -37.28
N ALA A 50 0.42 -6.30 -37.10
CA ALA A 50 0.81 -5.82 -35.78
C ALA A 50 -0.03 -4.63 -35.33
N PHE A 51 -0.31 -4.57 -34.04
CA PHE A 51 -0.93 -3.41 -33.43
C PHE A 51 0.19 -2.70 -32.66
N ILE A 52 0.54 -1.50 -33.12
CA ILE A 52 1.65 -0.74 -32.55
C ILE A 52 1.16 0.67 -32.27
N VAL A 53 1.32 1.10 -31.02
CA VAL A 53 0.69 2.31 -30.52
C VAL A 53 1.63 2.94 -29.49
N GLY A 54 1.73 4.27 -29.48
CA GLY A 54 2.57 4.97 -28.50
C GLY A 54 2.94 6.38 -28.90
N ASN A 55 3.94 6.95 -28.22
CA ASN A 55 4.42 8.32 -28.53
C ASN A 55 5.92 8.41 -28.89
N TYR A 56 6.51 7.30 -29.31
CA TYR A 56 7.85 7.36 -29.94
C TYR A 56 7.80 8.34 -31.12
N PRO A 57 8.87 9.12 -31.34
CA PRO A 57 8.80 10.05 -32.49
C PRO A 57 8.67 9.34 -33.84
N ALA A 58 7.90 9.95 -34.74
CA ALA A 58 7.68 9.39 -36.09
C ALA A 58 8.97 9.08 -36.88
N ALA A 59 9.92 10.01 -36.88
CA ALA A 59 11.19 9.80 -37.59
C ALA A 59 11.89 8.52 -37.13
N TRP A 60 11.89 8.28 -35.83
CA TRP A 60 12.49 7.07 -35.25
C TRP A 60 11.72 5.81 -35.63
N ARG A 61 10.38 5.87 -35.52
CA ARG A 61 9.52 4.77 -36.01
C ARG A 61 9.81 4.39 -37.48
N GLU A 62 9.95 5.39 -38.35
CA GLU A 62 10.23 5.12 -39.79
C GLU A 62 11.63 4.54 -39.99
N HIS A 63 12.62 5.13 -39.32
CA HIS A 63 14.00 4.66 -39.47
C HIS A 63 14.18 3.22 -39.02
N TYR A 64 13.61 2.89 -37.86
CA TYR A 64 13.67 1.55 -37.30
C TYR A 64 13.11 0.53 -38.29
N ASP A 65 11.96 0.86 -38.88
CA ASP A 65 11.34 0.05 -39.93
C ASP A 65 12.22 -0.07 -41.18
N ARG A 66 12.66 1.08 -41.68
CA ARG A 66 13.46 1.11 -42.92
C ARG A 66 14.83 0.45 -42.78
N ALA A 67 15.41 0.54 -41.59
CA ALA A 67 16.71 -0.06 -41.31
C ALA A 67 16.64 -1.57 -40.99
N GLY A 68 15.44 -2.09 -40.75
CA GLY A 68 15.26 -3.49 -40.35
C GLY A 68 15.78 -3.77 -38.94
N TYR A 69 15.66 -2.78 -38.05
CA TYR A 69 16.19 -2.93 -36.70
C TYR A 69 15.50 -4.03 -35.86
N ALA A 70 14.31 -4.46 -36.27
CA ALA A 70 13.62 -5.57 -35.62
C ALA A 70 14.45 -6.87 -35.59
N ARG A 71 15.33 -7.04 -36.58
CA ARG A 71 16.19 -8.22 -36.66
C ARG A 71 17.52 -8.04 -35.93
N VAL A 72 17.74 -6.84 -35.39
CA VAL A 72 18.99 -6.44 -34.74
C VAL A 72 18.77 -6.18 -33.24
N ASP A 73 17.77 -5.36 -32.94
CA ASP A 73 17.34 -5.00 -31.59
C ASP A 73 17.40 -6.19 -30.62
N PRO A 74 18.28 -6.12 -29.60
CA PRO A 74 18.44 -7.30 -28.73
C PRO A 74 17.21 -7.57 -27.84
N THR A 75 16.35 -6.57 -27.65
CA THR A 75 15.14 -6.73 -26.84
C THR A 75 14.09 -7.59 -27.55
N VAL A 76 14.10 -7.55 -28.87
CA VAL A 76 13.16 -8.34 -29.68
C VAL A 76 13.39 -9.84 -29.49
N SER A 77 14.63 -10.32 -29.68
CA SER A 77 14.92 -11.74 -29.46
C SER A 77 14.65 -12.13 -28.01
N HIS A 78 14.96 -11.23 -27.08
CA HIS A 78 14.69 -11.47 -25.65
C HIS A 78 13.20 -11.77 -25.42
N CYS A 79 12.32 -10.94 -26.01
CA CYS A 79 10.87 -11.12 -25.84
C CYS A 79 10.39 -12.51 -26.28
N THR A 80 10.98 -13.04 -27.35
CA THR A 80 10.59 -14.37 -27.83
C THR A 80 11.01 -15.50 -26.89
N GLN A 81 11.84 -15.20 -25.90
CA GLN A 81 12.44 -16.21 -25.02
C GLN A 81 12.04 -16.09 -23.55
N SER A 82 11.49 -14.94 -23.17
CA SER A 82 11.32 -14.61 -21.76
C SER A 82 10.08 -13.77 -21.48
N VAL A 83 9.58 -13.90 -20.24
CA VAL A 83 8.52 -13.02 -19.72
C VAL A 83 9.09 -11.89 -18.86
N LEU A 84 10.40 -11.91 -18.61
CA LEU A 84 11.03 -10.91 -17.73
C LEU A 84 11.52 -9.67 -18.51
N PRO A 85 11.53 -8.48 -17.87
CA PRO A 85 11.99 -7.30 -18.58
C PRO A 85 13.47 -7.33 -18.89
N ILE A 86 13.85 -6.63 -19.95
CA ILE A 86 15.25 -6.43 -20.30
C ILE A 86 15.53 -4.92 -20.25
N PHE A 87 16.52 -4.53 -19.47
CA PHE A 87 16.87 -3.12 -19.39
C PHE A 87 17.76 -2.72 -20.57
N TRP A 88 17.58 -1.52 -21.10
CA TRP A 88 18.35 -1.06 -22.25
C TRP A 88 19.80 -0.77 -21.82
N GLU A 89 20.68 -1.73 -22.07
CA GLU A 89 21.99 -1.81 -21.40
C GLU A 89 23.11 -2.05 -22.38
N PRO A 90 24.30 -1.45 -22.12
CA PRO A 90 25.47 -1.64 -22.98
C PRO A 90 25.68 -3.10 -23.36
N SER A 91 25.55 -4.00 -22.38
CA SER A 91 25.84 -5.43 -22.55
C SER A 91 24.93 -6.19 -23.52
N ILE A 92 23.73 -5.66 -23.77
CA ILE A 92 22.80 -6.29 -24.72
C ILE A 92 23.18 -6.01 -26.18
N TYR A 93 24.06 -5.02 -26.38
CA TYR A 93 24.60 -4.68 -27.69
C TYR A 93 26.00 -5.26 -27.83
N GLN A 94 26.25 -6.01 -28.90
CA GLN A 94 27.57 -6.58 -29.14
C GLN A 94 28.05 -6.52 -30.58
N THR A 95 27.20 -6.91 -31.53
CA THR A 95 27.56 -6.81 -32.94
C THR A 95 27.65 -5.36 -33.38
N ARG A 96 28.26 -5.15 -34.54
CA ARG A 96 28.40 -3.83 -35.14
C ARG A 96 27.05 -3.17 -35.42
N LYS A 97 26.12 -3.92 -36.01
CA LYS A 97 24.78 -3.40 -36.27
C LYS A 97 24.04 -3.08 -34.97
N GLN A 98 24.29 -3.88 -33.93
CA GLN A 98 23.73 -3.64 -32.60
C GLN A 98 24.27 -2.38 -31.96
N HIS A 99 25.55 -2.08 -32.18
CA HIS A 99 26.12 -0.80 -31.75
C HIS A 99 25.53 0.37 -32.54
N GLU A 100 25.32 0.16 -33.83
CA GLU A 100 24.66 1.16 -34.70
C GLU A 100 23.25 1.46 -34.20
N PHE A 101 22.50 0.40 -33.86
CA PHE A 101 21.15 0.53 -33.31
C PHE A 101 21.13 1.36 -32.03
N PHE A 102 21.99 1.01 -31.07
CA PHE A 102 22.15 1.79 -29.84
C PHE A 102 22.44 3.27 -30.14
N GLU A 103 23.39 3.51 -31.04
CA GLU A 103 23.81 4.87 -31.37
C GLU A 103 22.67 5.70 -31.93
N GLU A 104 21.90 5.11 -32.85
CA GLU A 104 20.77 5.82 -33.46
C GLU A 104 19.61 6.02 -32.49
N ALA A 105 19.33 5.05 -31.62
CA ALA A 105 18.31 5.25 -30.58
C ALA A 105 18.71 6.41 -29.65
N SER A 106 20.00 6.44 -29.28
CA SER A 106 20.56 7.50 -28.46
C SER A 106 20.38 8.85 -29.15
N ALA A 107 20.70 8.91 -30.45
CA ALA A 107 20.52 10.13 -31.26
C ALA A 107 19.06 10.59 -31.33
N ALA A 108 18.13 9.63 -31.31
CA ALA A 108 16.71 9.96 -31.29
C ALA A 108 16.20 10.36 -29.89
N GLY A 109 17.09 10.32 -28.90
CA GLY A 109 16.76 10.68 -27.52
C GLY A 109 16.22 9.56 -26.63
N LEU A 110 16.30 8.32 -27.10
CA LEU A 110 15.89 7.15 -26.34
C LEU A 110 17.12 6.39 -25.90
N VAL A 111 17.59 6.70 -24.70
CA VAL A 111 18.85 6.15 -24.22
C VAL A 111 18.63 5.18 -23.06
N TYR A 112 17.89 5.62 -22.05
CA TYR A 112 17.59 4.76 -20.90
C TYR A 112 16.15 4.25 -20.95
N GLY A 113 15.96 3.00 -20.54
CA GLY A 113 14.63 2.41 -20.49
C GLY A 113 14.61 0.91 -20.30
N LEU A 114 13.44 0.32 -20.55
CA LEU A 114 13.27 -1.11 -20.43
C LEU A 114 12.18 -1.57 -21.39
N THR A 115 12.26 -2.84 -21.75
CA THR A 115 11.27 -3.48 -22.63
C THR A 115 10.67 -4.64 -21.82
N MET A 116 9.34 -4.59 -21.64
CA MET A 116 8.60 -5.63 -20.92
C MET A 116 7.92 -6.55 -21.94
N PRO A 117 8.37 -7.81 -22.03
CA PRO A 117 7.76 -8.75 -22.99
C PRO A 117 6.29 -9.02 -22.63
N LEU A 118 5.48 -9.28 -23.64
CA LEU A 118 4.07 -9.54 -23.42
C LEU A 118 3.76 -10.89 -24.09
N HIS A 119 3.17 -11.79 -23.32
CA HIS A 119 2.75 -13.10 -23.81
C HIS A 119 1.31 -13.32 -23.40
N GLY A 120 0.40 -13.14 -24.36
CA GLY A 120 -1.03 -13.22 -24.08
C GLY A 120 -1.59 -14.62 -23.91
N ALA A 121 -2.81 -14.69 -23.36
CA ALA A 121 -3.48 -15.95 -23.11
C ALA A 121 -3.87 -16.69 -24.40
N ARG A 122 -3.92 -15.96 -25.51
CA ARG A 122 -4.21 -16.60 -26.80
C ARG A 122 -3.03 -16.58 -27.75
N GLY A 123 -1.82 -16.51 -27.18
CA GLY A 123 -0.60 -16.59 -27.99
C GLY A 123 -0.14 -15.26 -28.55
N GLU A 124 -0.79 -14.15 -28.16
CA GLU A 124 -0.35 -12.83 -28.59
C GLU A 124 1.11 -12.64 -28.12
N LEU A 125 1.92 -11.98 -28.94
CA LEU A 125 3.32 -11.74 -28.64
C LEU A 125 3.65 -10.27 -28.86
N GLY A 126 4.28 -9.65 -27.87
CA GLY A 126 4.71 -8.28 -28.08
C GLY A 126 5.55 -7.74 -26.96
N ALA A 127 5.47 -6.43 -26.81
CA ALA A 127 6.27 -5.74 -25.80
C ALA A 127 5.69 -4.38 -25.46
N LEU A 128 5.83 -4.00 -24.19
CA LEU A 128 5.69 -2.61 -23.78
C LEU A 128 7.10 -2.07 -23.47
N SER A 129 7.56 -1.11 -24.28
CA SER A 129 8.89 -0.51 -24.13
C SER A 129 8.70 0.92 -23.65
N LEU A 130 9.51 1.33 -22.67
CA LEU A 130 9.36 2.63 -22.01
C LEU A 130 10.75 3.25 -21.84
N SER A 131 10.86 4.53 -22.16
CA SER A 131 12.11 5.25 -21.97
C SER A 131 11.97 6.29 -20.85
N VAL A 132 13.03 6.45 -20.07
CA VAL A 132 13.07 7.44 -18.99
C VAL A 132 14.19 8.46 -19.25
N GLU A 133 13.86 9.75 -19.10
CA GLU A 133 14.84 10.83 -19.19
C GLU A 133 15.57 10.96 -17.85
N ALA A 134 16.89 11.00 -17.90
CA ALA A 134 17.69 11.08 -16.67
C ALA A 134 19.06 11.66 -16.97
N GLU A 135 19.77 12.09 -15.92
CA GLU A 135 21.10 12.69 -16.05
C GLU A 135 22.13 11.64 -16.40
N ASN A 136 21.90 10.41 -15.94
CA ASN A 136 22.83 9.32 -16.16
C ASN A 136 22.12 7.97 -15.94
N ARG A 137 22.80 6.88 -16.23
CA ARG A 137 22.22 5.54 -16.12
C ARG A 137 21.88 5.17 -14.67
N ALA A 138 22.75 5.51 -13.72
CA ALA A 138 22.48 5.21 -12.31
C ALA A 138 21.16 5.84 -11.86
N GLU A 139 20.96 7.11 -12.23
CA GLU A 139 19.71 7.82 -11.93
C GLU A 139 18.52 7.19 -12.65
N ALA A 140 18.70 6.82 -13.91
CA ALA A 140 17.66 6.14 -14.67
C ALA A 140 17.25 4.84 -13.98
N ASN A 141 18.24 4.04 -13.57
CA ASN A 141 17.98 2.80 -12.83
C ASN A 141 17.19 2.99 -11.53
N ARG A 142 17.49 4.06 -10.80
CA ARG A 142 16.75 4.39 -9.58
C ARG A 142 15.29 4.74 -9.91
N PHE A 143 15.09 5.56 -10.94
CA PHE A 143 13.73 5.90 -11.39
C PHE A 143 12.92 4.66 -11.77
N MET A 144 13.53 3.75 -12.52
CA MET A 144 12.82 2.56 -13.00
C MET A 144 12.49 1.58 -11.87
N GLU A 145 13.47 1.28 -11.03
CA GLU A 145 13.29 0.39 -9.88
C GLU A 145 12.20 0.85 -8.93
N SER A 146 12.07 2.17 -8.78
CA SER A 146 11.10 2.77 -7.86
C SER A 146 9.64 2.53 -8.25
N VAL A 147 9.40 2.23 -9.52
CA VAL A 147 8.04 2.01 -10.02
C VAL A 147 7.86 0.61 -10.62
N LEU A 148 8.90 -0.20 -10.53
CA LEU A 148 8.88 -1.52 -11.17
C LEU A 148 7.65 -2.38 -10.78
N PRO A 149 7.27 -2.42 -9.48
CA PRO A 149 6.09 -3.24 -9.16
C PRO A 149 4.78 -2.72 -9.79
N THR A 150 4.61 -1.41 -9.87
CA THR A 150 3.43 -0.83 -10.50
C THR A 150 3.47 -1.08 -12.01
N LEU A 151 4.65 -0.91 -12.62
CA LEU A 151 4.82 -1.21 -14.05
C LEU A 151 4.52 -2.67 -14.39
N TRP A 152 4.88 -3.57 -13.47
CA TRP A 152 4.66 -4.99 -13.68
C TRP A 152 3.16 -5.30 -13.78
N MET A 153 2.35 -4.64 -12.96
CA MET A 153 0.89 -4.77 -13.05
C MET A 153 0.37 -4.13 -14.33
N LEU A 154 0.85 -2.91 -14.62
CA LEU A 154 0.42 -2.15 -15.80
C LEU A 154 0.62 -2.94 -17.10
N LYS A 155 1.79 -3.55 -17.27
CA LYS A 155 2.05 -4.25 -18.54
C LYS A 155 1.06 -5.38 -18.80
N ASP A 156 0.61 -6.05 -17.73
CA ASP A 156 -0.37 -7.12 -17.83
C ASP A 156 -1.78 -6.60 -18.07
N TYR A 157 -2.15 -5.51 -17.41
CA TYR A 157 -3.42 -4.81 -17.69
C TYR A 157 -3.49 -4.28 -19.13
N ALA A 158 -2.38 -3.73 -19.61
CA ALA A 158 -2.27 -3.22 -20.97
C ALA A 158 -2.36 -4.39 -21.96
N LEU A 159 -1.68 -5.50 -21.68
CA LEU A 159 -1.79 -6.67 -22.54
C LEU A 159 -3.25 -7.19 -22.65
N GLN A 160 -3.93 -7.37 -21.52
CA GLN A 160 -5.27 -7.98 -21.51
C GLN A 160 -6.26 -7.07 -22.23
N SER A 161 -6.22 -5.78 -21.89
CA SER A 161 -7.06 -4.74 -22.51
C SER A 161 -6.71 -4.52 -23.99
N GLY A 162 -5.41 -4.33 -24.24
CA GLY A 162 -4.90 -4.07 -25.58
C GLY A 162 -5.13 -5.18 -26.58
N ALA A 163 -5.05 -6.43 -26.13
CA ALA A 163 -5.31 -7.56 -27.04
C ALA A 163 -6.76 -7.52 -27.54
N GLY A 164 -7.67 -7.14 -26.64
CA GLY A 164 -9.10 -7.01 -26.97
C GLY A 164 -9.31 -5.90 -27.99
N LEU A 165 -8.71 -4.74 -27.73
CA LEU A 165 -8.78 -3.61 -28.63
C LEU A 165 -8.15 -3.89 -30.00
N ALA A 166 -6.98 -4.51 -29.99
CA ALA A 166 -6.23 -4.79 -31.23
C ALA A 166 -6.92 -5.80 -32.16
N PHE A 167 -7.38 -6.92 -31.59
CA PHE A 167 -7.73 -8.09 -32.40
C PHE A 167 -9.19 -8.54 -32.32
N GLU A 168 -9.94 -7.97 -31.39
CA GLU A 168 -11.30 -8.41 -31.15
C GLU A 168 -12.31 -7.28 -31.29
N GLY B 6 16.59 -10.26 -5.46
CA GLY B 6 15.84 -11.10 -4.47
C GLY B 6 15.01 -12.20 -5.17
N PHE B 7 14.15 -11.77 -6.10
CA PHE B 7 13.38 -12.71 -6.92
C PHE B 7 14.28 -13.65 -7.72
N LEU B 8 15.50 -13.22 -8.02
CA LEU B 8 16.42 -13.98 -8.87
C LEU B 8 16.98 -15.27 -8.23
N GLU B 9 16.84 -15.39 -6.93
CA GLU B 9 17.27 -16.56 -6.17
C GLU B 9 16.58 -17.83 -6.70
N LEU B 10 15.39 -17.68 -7.27
CA LEU B 10 14.66 -18.79 -7.87
C LEU B 10 15.38 -19.35 -9.09
N GLU B 11 15.79 -18.48 -10.01
CA GLU B 11 16.52 -18.95 -11.18
C GLU B 11 17.92 -19.40 -10.81
N ARG B 12 18.46 -18.76 -9.76
CA ARG B 12 19.76 -19.11 -9.18
C ARG B 12 19.72 -20.39 -8.36
N SER B 13 18.51 -20.89 -8.08
CA SER B 13 18.37 -22.09 -7.26
C SER B 13 19.06 -23.28 -7.92
N SER B 14 19.68 -24.12 -7.10
CA SER B 14 20.32 -25.33 -7.57
C SER B 14 19.34 -26.49 -7.44
N GLY B 15 18.55 -26.69 -8.49
CA GLY B 15 17.64 -27.84 -8.58
C GLY B 15 16.20 -27.63 -8.15
N LYS B 16 15.36 -28.58 -8.55
CA LYS B 16 13.92 -28.58 -8.27
C LYS B 16 13.61 -28.47 -6.77
N LEU B 17 14.35 -29.22 -5.96
CA LEU B 17 14.15 -29.25 -4.53
C LEU B 17 14.34 -27.86 -3.90
N GLU B 18 15.48 -27.21 -4.20
CA GLU B 18 15.74 -25.86 -3.69
C GLU B 18 14.81 -24.78 -4.28
N TRP B 19 14.38 -24.96 -5.54
CA TRP B 19 13.44 -24.04 -6.18
C TRP B 19 12.08 -24.08 -5.48
N SER B 20 11.50 -25.27 -5.37
CA SER B 20 10.24 -25.50 -4.68
C SER B 20 10.27 -24.96 -3.25
N ALA B 21 11.38 -25.22 -2.54
CA ALA B 21 11.56 -24.74 -1.16
C ALA B 21 11.65 -23.22 -1.09
N ILE B 22 12.41 -22.61 -2.00
CA ILE B 22 12.56 -21.15 -2.05
C ILE B 22 11.23 -20.50 -2.43
N LEU B 23 10.52 -21.08 -3.41
CA LEU B 23 9.20 -20.57 -3.79
C LEU B 23 8.22 -20.58 -2.62
N GLN B 24 8.12 -21.71 -1.92
CA GLN B 24 7.23 -21.85 -0.76
C GLN B 24 7.61 -20.89 0.37
N LYS B 25 8.91 -20.68 0.56
CA LYS B 25 9.38 -19.76 1.59
C LYS B 25 9.10 -18.30 1.22
N MET B 26 9.26 -17.95 -0.05
CA MET B 26 8.89 -16.59 -0.52
C MET B 26 7.41 -16.32 -0.27
N ALA B 27 6.57 -17.28 -0.66
CA ALA B 27 5.13 -17.22 -0.43
C ALA B 27 4.87 -17.07 1.06
N SER B 28 5.48 -17.93 1.87
CA SER B 28 5.36 -17.91 3.32
C SER B 28 5.70 -16.54 3.91
N ASP B 29 6.83 -15.97 3.49
CA ASP B 29 7.30 -14.66 3.95
C ASP B 29 6.33 -13.53 3.61
N LEU B 30 5.65 -13.66 2.48
CA LEU B 30 4.61 -12.72 2.07
C LEU B 30 3.30 -12.91 2.84
N GLY B 31 3.14 -14.09 3.45
CA GLY B 31 1.98 -14.40 4.28
C GLY B 31 1.03 -15.46 3.76
N PHE B 32 1.46 -16.20 2.73
CA PHE B 32 0.62 -17.25 2.14
C PHE B 32 1.14 -18.62 2.55
N SER B 33 0.36 -19.36 3.34
CA SER B 33 0.85 -20.61 3.91
C SER B 33 0.68 -21.82 2.99
N LYS B 34 -0.11 -21.67 1.92
CA LYS B 34 -0.32 -22.76 0.96
C LYS B 34 -0.16 -22.23 -0.48
N ILE B 35 0.61 -22.94 -1.30
CA ILE B 35 0.79 -22.55 -2.70
C ILE B 35 0.83 -23.75 -3.63
N LEU B 36 0.36 -23.55 -4.84
CA LEU B 36 0.47 -24.55 -5.88
C LEU B 36 0.87 -23.89 -7.20
N PHE B 37 2.02 -24.30 -7.70
CA PHE B 37 2.51 -23.91 -9.01
C PHE B 37 2.31 -25.07 -9.96
N GLY B 38 1.53 -24.82 -11.01
CA GLY B 38 1.22 -25.82 -12.02
C GLY B 38 1.64 -25.30 -13.38
N LEU B 39 2.38 -26.11 -14.13
CA LEU B 39 2.78 -25.74 -15.49
C LEU B 39 2.70 -26.89 -16.48
N LEU B 40 2.10 -26.61 -17.64
CA LEU B 40 1.98 -27.58 -18.73
C LEU B 40 2.80 -27.13 -19.94
N PRO B 41 3.37 -28.08 -20.71
CA PRO B 41 4.05 -27.68 -21.93
C PRO B 41 3.04 -27.27 -23.01
N LYS B 42 3.51 -26.50 -23.99
CA LYS B 42 2.66 -25.99 -25.09
C LYS B 42 1.78 -27.08 -25.71
N ASP B 43 0.51 -26.75 -25.96
CA ASP B 43 -0.45 -27.64 -26.63
C ASP B 43 -0.57 -29.04 -26.02
N SER B 44 -0.69 -29.10 -24.69
CA SER B 44 -0.88 -30.39 -24.01
C SER B 44 -2.33 -30.84 -24.08
N GLN B 45 -2.52 -32.14 -24.25
CA GLN B 45 -3.87 -32.72 -24.35
C GLN B 45 -4.36 -33.25 -23.00
N ASP B 46 -3.43 -33.37 -22.05
CA ASP B 46 -3.75 -33.80 -20.69
C ASP B 46 -2.65 -33.33 -19.73
N TYR B 47 -2.58 -33.95 -18.56
CA TYR B 47 -1.64 -33.56 -17.50
C TYR B 47 -0.48 -34.57 -17.32
N GLU B 48 -0.22 -35.38 -18.35
CA GLU B 48 0.83 -36.39 -18.31
C GLU B 48 2.24 -35.82 -18.14
N ASN B 49 2.48 -34.64 -18.70
CA ASN B 49 3.78 -33.99 -18.61
C ASN B 49 3.77 -32.71 -17.77
N ALA B 50 2.73 -32.56 -16.95
CA ALA B 50 2.58 -31.40 -16.07
C ALA B 50 3.63 -31.34 -14.97
N PHE B 51 4.12 -30.14 -14.71
CA PHE B 51 5.03 -29.85 -13.61
C PHE B 51 4.23 -29.17 -12.50
N ILE B 52 4.02 -29.89 -11.41
CA ILE B 52 3.16 -29.39 -10.33
C ILE B 52 3.91 -29.51 -9.02
N VAL B 53 4.05 -28.38 -8.34
CA VAL B 53 4.89 -28.26 -7.16
C VAL B 53 4.24 -27.32 -6.16
N GLY B 54 4.31 -27.67 -4.86
CA GLY B 54 3.80 -26.79 -3.81
C GLY B 54 3.57 -27.53 -2.50
N ASN B 55 2.79 -26.92 -1.61
CA ASN B 55 2.50 -27.50 -0.29
C ASN B 55 1.00 -27.57 0.05
N TYR B 56 0.15 -27.59 -0.98
CA TYR B 56 -1.27 -27.93 -0.80
C TYR B 56 -1.33 -29.31 -0.12
N PRO B 57 -2.31 -29.54 0.78
CA PRO B 57 -2.40 -30.85 1.44
C PRO B 57 -2.55 -32.01 0.47
N ALA B 58 -1.85 -33.11 0.75
CA ALA B 58 -1.94 -34.32 -0.07
C ALA B 58 -3.36 -34.80 -0.32
N ALA B 59 -4.19 -34.81 0.72
CA ALA B 59 -5.58 -35.31 0.59
C ALA B 59 -6.39 -34.49 -0.43
N TRP B 60 -6.16 -33.18 -0.44
CA TRP B 60 -6.83 -32.26 -1.36
C TRP B 60 -6.35 -32.44 -2.80
N ARG B 61 -5.03 -32.52 -2.99
CA ARG B 61 -4.45 -32.88 -4.29
C ARG B 61 -5.05 -34.16 -4.86
N GLU B 62 -5.16 -35.19 -4.02
CA GLU B 62 -5.73 -36.46 -4.45
C GLU B 62 -7.20 -36.28 -4.81
N HIS B 63 -7.96 -35.63 -3.93
CA HIS B 63 -9.40 -35.39 -4.16
C HIS B 63 -9.70 -34.57 -5.42
N TYR B 64 -8.95 -33.49 -5.65
CA TYR B 64 -9.11 -32.65 -6.85
C TYR B 64 -8.92 -33.47 -8.12
N ASP B 65 -7.89 -34.33 -8.15
CA ASP B 65 -7.62 -35.19 -9.28
C ASP B 65 -8.71 -36.23 -9.50
N ARG B 66 -9.12 -36.90 -8.42
CA ARG B 66 -10.09 -38.00 -8.52
C ARG B 66 -11.48 -37.50 -8.93
N ALA B 67 -11.83 -36.30 -8.47
CA ALA B 67 -13.12 -35.67 -8.78
C ALA B 67 -13.17 -34.99 -10.16
N GLY B 68 -12.03 -34.88 -10.82
CA GLY B 68 -11.93 -34.19 -12.11
C GLY B 68 -12.19 -32.69 -12.03
N TYR B 69 -11.84 -32.08 -10.89
CA TYR B 69 -12.14 -30.67 -10.64
C TYR B 69 -11.47 -29.67 -11.59
N ALA B 70 -10.44 -30.10 -12.31
CA ALA B 70 -9.84 -29.27 -13.37
C ALA B 70 -10.90 -28.80 -14.37
N ARG B 71 -11.96 -29.59 -14.53
CA ARG B 71 -13.03 -29.29 -15.47
C ARG B 71 -14.16 -28.46 -14.83
N VAL B 72 -14.05 -28.21 -13.52
CA VAL B 72 -15.09 -27.50 -12.76
C VAL B 72 -14.54 -26.18 -12.20
N ASP B 73 -13.32 -26.25 -11.67
CA ASP B 73 -12.59 -25.12 -11.08
C ASP B 73 -12.66 -23.90 -11.99
N PRO B 74 -13.34 -22.82 -11.55
CA PRO B 74 -13.49 -21.63 -12.42
C PRO B 74 -12.16 -20.91 -12.71
N THR B 75 -11.14 -21.12 -11.87
CA THR B 75 -9.84 -20.43 -12.10
C THR B 75 -9.09 -21.02 -13.29
N VAL B 76 -9.38 -22.28 -13.62
CA VAL B 76 -8.75 -22.95 -14.76
C VAL B 76 -9.18 -22.33 -16.09
N SER B 77 -10.48 -22.23 -16.36
CA SER B 77 -10.92 -21.59 -17.61
C SER B 77 -10.52 -20.11 -17.64
N HIS B 78 -10.53 -19.44 -16.48
CA HIS B 78 -10.02 -18.08 -16.42
C HIS B 78 -8.59 -18.00 -16.97
N CYS B 79 -7.73 -18.93 -16.52
CA CYS B 79 -6.33 -18.95 -16.96
C CYS B 79 -6.17 -19.09 -18.48
N THR B 80 -7.05 -19.84 -19.13
CA THR B 80 -6.99 -20.00 -20.59
C THR B 80 -7.39 -18.73 -21.35
N GLN B 81 -7.98 -17.75 -20.65
CA GLN B 81 -8.52 -16.55 -21.29
C GLN B 81 -7.87 -15.23 -20.87
N SER B 82 -7.05 -15.26 -19.82
CA SER B 82 -6.55 -14.02 -19.27
C SER B 82 -5.15 -14.14 -18.69
N VAL B 83 -4.45 -13.01 -18.61
CA VAL B 83 -3.18 -12.88 -17.87
C VAL B 83 -3.37 -12.26 -16.48
N LEU B 84 -4.59 -11.79 -16.16
CA LEU B 84 -4.85 -11.12 -14.88
C LEU B 84 -5.24 -12.11 -13.78
N PRO B 85 -4.97 -11.76 -12.50
CA PRO B 85 -5.30 -12.67 -11.40
C PRO B 85 -6.81 -12.83 -11.25
N ILE B 86 -7.24 -14.00 -10.80
CA ILE B 86 -8.63 -14.20 -10.39
C ILE B 86 -8.66 -14.46 -8.88
N PHE B 87 -9.37 -13.60 -8.16
CA PHE B 87 -9.49 -13.76 -6.71
C PHE B 87 -10.58 -14.77 -6.35
N TRP B 88 -10.37 -15.53 -5.28
CA TRP B 88 -11.33 -16.55 -4.84
C TRP B 88 -12.48 -15.89 -4.10
N GLU B 89 -13.48 -15.47 -4.86
CA GLU B 89 -14.62 -14.73 -4.32
C GLU B 89 -15.91 -15.44 -4.67
N PRO B 90 -16.96 -15.25 -3.84
CA PRO B 90 -18.25 -15.91 -4.11
C PRO B 90 -18.75 -15.76 -5.57
N SER B 91 -18.52 -14.62 -6.19
CA SER B 91 -19.03 -14.40 -7.56
C SER B 91 -18.49 -15.38 -8.62
N ILE B 92 -17.30 -15.94 -8.40
CA ILE B 92 -16.67 -16.82 -9.41
C ILE B 92 -17.26 -18.24 -9.44
N TYR B 93 -17.96 -18.64 -8.38
CA TYR B 93 -18.60 -19.95 -8.35
C TYR B 93 -20.06 -19.78 -8.70
N GLN B 94 -20.41 -20.11 -9.94
CA GLN B 94 -21.74 -19.83 -10.48
C GLN B 94 -22.68 -21.03 -10.40
N THR B 95 -22.23 -22.19 -10.88
CA THR B 95 -23.06 -23.41 -10.88
C THR B 95 -22.95 -24.18 -9.57
N ARG B 96 -23.89 -25.10 -9.33
CA ARG B 96 -23.87 -25.89 -8.09
C ARG B 96 -22.57 -26.67 -7.96
N LYS B 97 -22.12 -27.25 -9.07
CA LYS B 97 -20.86 -27.99 -9.13
C LYS B 97 -19.71 -27.09 -8.68
N GLN B 98 -19.74 -25.83 -9.10
CA GLN B 98 -18.72 -24.86 -8.74
C GLN B 98 -18.80 -24.46 -7.27
N HIS B 99 -20.02 -24.43 -6.71
CA HIS B 99 -20.19 -24.21 -5.28
C HIS B 99 -19.69 -25.40 -4.46
N GLU B 100 -19.95 -26.62 -4.93
CA GLU B 100 -19.48 -27.84 -4.28
C GLU B 100 -17.95 -27.89 -4.25
N PHE B 101 -17.33 -27.54 -5.37
CA PHE B 101 -15.87 -27.39 -5.42
C PHE B 101 -15.40 -26.39 -4.36
N PHE B 102 -16.06 -25.22 -4.30
CA PHE B 102 -15.74 -24.22 -3.28
C PHE B 102 -15.81 -24.77 -1.85
N GLU B 103 -16.85 -25.57 -1.57
CA GLU B 103 -17.03 -26.13 -0.23
C GLU B 103 -15.99 -27.19 0.12
N GLU B 104 -15.64 -28.01 -0.86
CA GLU B 104 -14.64 -29.04 -0.66
C GLU B 104 -13.25 -28.40 -0.42
N ALA B 105 -12.91 -27.40 -1.22
CA ALA B 105 -11.68 -26.63 -0.98
C ALA B 105 -11.65 -26.00 0.40
N SER B 106 -12.77 -25.39 0.79
CA SER B 106 -12.92 -24.78 2.12
C SER B 106 -12.72 -25.78 3.25
N ALA B 107 -13.38 -26.94 3.12
CA ALA B 107 -13.27 -28.01 4.10
C ALA B 107 -11.83 -28.47 4.22
N ALA B 108 -11.06 -28.38 3.13
CA ALA B 108 -9.64 -28.75 3.12
C ALA B 108 -8.73 -27.66 3.70
N GLY B 109 -9.31 -26.51 4.02
CA GLY B 109 -8.57 -25.42 4.64
C GLY B 109 -8.18 -24.31 3.69
N LEU B 110 -8.65 -24.38 2.45
CA LEU B 110 -8.32 -23.39 1.43
C LEU B 110 -9.56 -22.57 1.07
N VAL B 111 -9.71 -21.43 1.74
CA VAL B 111 -10.90 -20.61 1.55
C VAL B 111 -10.61 -19.26 0.89
N TYR B 112 -9.57 -18.56 1.33
CA TYR B 112 -9.19 -17.27 0.77
C TYR B 112 -7.90 -17.36 -0.01
N GLY B 113 -7.85 -16.65 -1.13
CA GLY B 113 -6.69 -16.73 -2.02
C GLY B 113 -6.92 -16.14 -3.39
N LEU B 114 -5.99 -16.44 -4.31
CA LEU B 114 -6.05 -15.98 -5.70
C LEU B 114 -5.26 -16.92 -6.59
N THR B 115 -5.60 -16.88 -7.88
CA THR B 115 -4.91 -17.67 -8.89
C THR B 115 -4.35 -16.74 -9.97
N MET B 116 -3.03 -16.83 -10.19
CA MET B 116 -2.33 -16.02 -11.18
C MET B 116 -2.05 -16.89 -12.41
N PRO B 117 -2.69 -16.58 -13.57
CA PRO B 117 -2.42 -17.36 -14.77
C PRO B 117 -0.95 -17.26 -15.17
N LEU B 118 -0.43 -18.33 -15.75
CA LEU B 118 0.94 -18.32 -16.30
C LEU B 118 0.90 -18.59 -17.79
N HIS B 119 1.52 -17.70 -18.57
CA HIS B 119 1.67 -17.88 -20.01
C HIS B 119 3.11 -17.58 -20.40
N GLY B 120 3.85 -18.64 -20.72
CA GLY B 120 5.30 -18.53 -20.94
C GLY B 120 5.64 -18.21 -22.38
N ALA B 121 6.91 -17.86 -22.60
CA ALA B 121 7.35 -17.42 -23.93
C ALA B 121 7.35 -18.54 -24.97
N ARG B 122 7.36 -19.80 -24.53
CA ARG B 122 7.30 -20.92 -25.47
C ARG B 122 5.95 -21.64 -25.46
N GLY B 123 4.90 -20.93 -25.07
CA GLY B 123 3.56 -21.52 -25.05
C GLY B 123 3.22 -22.35 -23.82
N GLU B 124 4.07 -22.29 -22.79
CA GLU B 124 3.75 -22.95 -21.50
C GLU B 124 2.48 -22.36 -20.90
N LEU B 125 1.67 -23.20 -20.28
CA LEU B 125 0.39 -22.79 -19.71
C LEU B 125 0.27 -23.30 -18.29
N GLY B 126 -0.03 -22.40 -17.37
CA GLY B 126 -0.19 -22.81 -15.98
C GLY B 126 -0.89 -21.81 -15.11
N ALA B 127 -0.68 -21.99 -13.79
CA ALA B 127 -1.17 -21.07 -12.77
C ALA B 127 -0.30 -21.16 -11.54
N LEU B 128 -0.20 -20.03 -10.84
CA LEU B 128 0.31 -19.97 -9.47
C LEU B 128 -0.86 -19.59 -8.56
N SER B 129 -1.25 -20.51 -7.70
CA SER B 129 -2.34 -20.28 -6.78
C SER B 129 -1.80 -20.16 -5.35
N LEU B 130 -2.37 -19.24 -4.59
CA LEU B 130 -1.92 -19.01 -3.22
C LEU B 130 -3.14 -18.81 -2.34
N SER B 131 -3.14 -19.46 -1.17
CA SER B 131 -4.20 -19.23 -0.19
C SER B 131 -3.64 -18.59 1.07
N VAL B 132 -4.42 -17.68 1.63
CA VAL B 132 -4.08 -17.03 2.89
C VAL B 132 -5.01 -17.54 3.99
N GLU B 133 -4.45 -17.91 5.13
CA GLU B 133 -5.25 -18.26 6.32
C GLU B 133 -5.68 -16.99 7.03
N ALA B 134 -6.90 -16.58 6.78
CA ALA B 134 -7.45 -15.34 7.34
C ALA B 134 -8.76 -15.58 8.08
N GLU B 135 -9.07 -14.65 8.98
CA GLU B 135 -10.26 -14.70 9.84
C GLU B 135 -11.55 -14.60 9.05
N ASN B 136 -11.57 -13.67 8.08
CA ASN B 136 -12.74 -13.41 7.23
C ASN B 136 -12.33 -12.81 5.88
N ARG B 137 -13.30 -12.61 4.99
CA ARG B 137 -13.01 -12.11 3.65
C ARG B 137 -12.44 -10.69 3.65
N ALA B 138 -12.96 -9.82 4.51
CA ALA B 138 -12.48 -8.44 4.61
C ALA B 138 -11.01 -8.40 5.01
N GLU B 139 -10.64 -9.27 5.94
CA GLU B 139 -9.25 -9.37 6.39
C GLU B 139 -8.36 -9.94 5.28
N ALA B 140 -8.84 -10.99 4.61
CA ALA B 140 -8.16 -11.58 3.45
C ALA B 140 -7.88 -10.53 2.37
N ASN B 141 -8.91 -9.75 2.02
CA ASN B 141 -8.80 -8.68 1.01
C ASN B 141 -7.74 -7.63 1.31
N ARG B 142 -7.68 -7.19 2.56
CA ARG B 142 -6.74 -6.17 3.00
C ARG B 142 -5.31 -6.67 2.91
N PHE B 143 -5.10 -7.90 3.34
CA PHE B 143 -3.81 -8.53 3.24
C PHE B 143 -3.35 -8.65 1.78
N MET B 144 -4.22 -9.20 0.92
CA MET B 144 -3.86 -9.45 -0.47
C MET B 144 -3.52 -8.17 -1.24
N GLU B 145 -4.29 -7.11 -1.03
CA GLU B 145 -3.99 -5.80 -1.59
C GLU B 145 -2.61 -5.26 -1.16
N SER B 146 -2.22 -5.55 0.08
CA SER B 146 -0.93 -5.06 0.61
C SER B 146 0.25 -5.72 -0.08
N VAL B 147 0.07 -6.95 -0.56
CA VAL B 147 1.16 -7.72 -1.15
C VAL B 147 1.04 -7.97 -2.66
N LEU B 148 -0.07 -7.54 -3.26
CA LEU B 148 -0.35 -7.84 -4.68
C LEU B 148 0.72 -7.41 -5.70
N PRO B 149 1.29 -6.20 -5.56
CA PRO B 149 2.32 -5.83 -6.53
C PRO B 149 3.57 -6.74 -6.47
N THR B 150 3.98 -7.13 -5.25
CA THR B 150 5.08 -8.09 -5.05
C THR B 150 4.76 -9.46 -5.66
N LEU B 151 3.52 -9.90 -5.47
CA LEU B 151 3.07 -11.19 -5.98
C LEU B 151 2.99 -11.17 -7.50
N TRP B 152 2.67 -10.02 -8.07
CA TRP B 152 2.55 -9.87 -9.52
C TRP B 152 3.92 -10.06 -10.18
N MET B 153 4.97 -9.56 -9.53
CA MET B 153 6.34 -9.79 -9.98
C MET B 153 6.76 -11.24 -9.78
N LEU B 154 6.43 -11.78 -8.59
CA LEU B 154 6.79 -13.16 -8.23
C LEU B 154 6.30 -14.16 -9.27
N LYS B 155 5.07 -13.99 -9.74
CA LYS B 155 4.50 -15.00 -10.62
C LYS B 155 5.26 -15.15 -11.95
N ASP B 156 5.75 -14.03 -12.49
CA ASP B 156 6.54 -14.05 -13.70
C ASP B 156 7.97 -14.59 -13.49
N TYR B 157 8.58 -14.27 -12.35
CA TYR B 157 9.87 -14.87 -11.99
C TYR B 157 9.75 -16.39 -11.80
N ALA B 158 8.71 -16.82 -11.08
CA ALA B 158 8.39 -18.24 -10.91
C ALA B 158 8.17 -18.95 -12.25
N LEU B 159 7.42 -18.29 -13.14
CA LEU B 159 7.20 -18.83 -14.48
C LEU B 159 8.50 -19.00 -15.29
N GLN B 160 9.27 -17.93 -15.41
CA GLN B 160 10.49 -17.99 -16.23
C GLN B 160 11.44 -19.08 -15.72
N SER B 161 11.68 -19.08 -14.41
CA SER B 161 12.57 -20.04 -13.76
C SER B 161 12.03 -21.47 -13.80
N GLY B 162 10.77 -21.64 -13.44
CA GLY B 162 10.12 -22.96 -13.45
C GLY B 162 10.05 -23.62 -14.82
N ALA B 163 9.76 -22.83 -15.86
CA ALA B 163 9.75 -23.36 -17.22
C ALA B 163 11.11 -23.97 -17.61
N GLY B 164 12.18 -23.23 -17.35
CA GLY B 164 13.55 -23.70 -17.61
C GLY B 164 13.94 -24.93 -16.81
N LEU B 165 13.42 -25.02 -15.60
CA LEU B 165 13.68 -26.16 -14.72
C LEU B 165 12.82 -27.37 -15.13
N ALA B 166 11.56 -27.11 -15.48
CA ALA B 166 10.60 -28.17 -15.78
C ALA B 166 10.80 -28.84 -17.13
N PHE B 167 11.12 -28.04 -18.14
CA PHE B 167 11.12 -28.57 -19.51
C PHE B 167 12.49 -28.50 -20.19
N GLU B 168 13.54 -28.26 -19.39
CA GLU B 168 14.92 -28.28 -19.86
C GLU B 168 15.86 -28.78 -18.78
N VAL C 4 -3.47 24.11 25.00
CA VAL C 4 -4.96 23.96 25.02
C VAL C 4 -5.66 25.33 24.98
N ASP C 5 -4.90 26.38 25.31
CA ASP C 5 -5.33 27.76 25.10
C ASP C 5 -5.61 28.00 23.62
N GLY C 6 -4.64 27.59 22.79
CA GLY C 6 -4.77 27.67 21.34
C GLY C 6 -6.01 26.96 20.85
N PHE C 7 -6.20 25.71 21.27
CA PHE C 7 -7.40 24.93 20.91
C PHE C 7 -8.66 25.70 21.26
N LEU C 8 -8.66 26.30 22.45
CA LEU C 8 -9.80 27.08 22.92
C LEU C 8 -10.04 28.27 22.01
N GLU C 9 -8.96 28.96 21.62
CA GLU C 9 -9.04 30.08 20.68
C GLU C 9 -9.61 29.64 19.33
N LEU C 10 -9.11 28.51 18.83
CA LEU C 10 -9.62 27.88 17.61
C LEU C 10 -11.14 27.64 17.72
N GLU C 11 -11.58 27.12 18.86
CA GLU C 11 -13.01 26.85 19.11
C GLU C 11 -13.83 28.14 19.26
N ARG C 12 -13.17 29.24 19.63
CA ARG C 12 -13.81 30.56 19.79
C ARG C 12 -13.73 31.42 18.52
N SER C 13 -13.02 30.92 17.50
CA SER C 13 -12.71 31.72 16.31
C SER C 13 -13.93 32.04 15.45
N SER C 14 -13.88 33.18 14.78
CA SER C 14 -15.00 33.67 13.97
C SER C 14 -14.91 33.23 12.50
N GLY C 15 -14.70 31.92 12.29
CA GLY C 15 -14.70 31.35 10.94
C GLY C 15 -13.35 30.92 10.41
N LYS C 16 -13.35 30.54 9.13
CA LYS C 16 -12.18 30.04 8.38
C LYS C 16 -10.93 30.93 8.50
N LEU C 17 -11.11 32.24 8.33
CA LEU C 17 -10.00 33.21 8.32
C LEU C 17 -9.29 33.33 9.66
N GLU C 18 -10.06 33.53 10.73
CA GLU C 18 -9.47 33.68 12.07
C GLU C 18 -8.83 32.38 12.55
N TRP C 19 -9.53 31.27 12.34
CA TRP C 19 -9.02 29.94 12.71
C TRP C 19 -7.64 29.74 12.09
N SER C 20 -7.56 29.92 10.76
CA SER C 20 -6.30 29.81 10.04
C SER C 20 -5.20 30.70 10.63
N ALA C 21 -5.55 31.92 11.05
CA ALA C 21 -4.59 32.88 11.60
C ALA C 21 -3.98 32.43 12.93
N ILE C 22 -4.81 31.83 13.78
CA ILE C 22 -4.35 31.34 15.09
C ILE C 22 -3.42 30.13 14.89
N LEU C 23 -3.82 29.22 14.01
CA LEU C 23 -3.00 28.03 13.73
C LEU C 23 -1.63 28.42 13.17
N GLN C 24 -1.64 29.34 12.20
CA GLN C 24 -0.42 29.90 11.62
C GLN C 24 0.49 30.49 12.69
N LYS C 25 -0.09 31.22 13.63
CA LYS C 25 0.66 31.87 14.71
C LYS C 25 1.25 30.87 15.73
N MET C 26 0.49 29.83 16.06
CA MET C 26 0.98 28.75 16.92
C MET C 26 2.18 28.04 16.28
N ALA C 27 2.05 27.70 15.01
CA ALA C 27 3.13 27.10 14.23
C ALA C 27 4.36 28.02 14.16
N SER C 28 4.11 29.31 13.90
CA SER C 28 5.16 30.33 13.86
C SER C 28 5.91 30.48 15.20
N ASP C 29 5.17 30.50 16.31
CA ASP C 29 5.75 30.56 17.65
C ASP C 29 6.55 29.32 18.03
N LEU C 30 6.16 28.19 17.45
CA LEU C 30 6.86 26.93 17.68
C LEU C 30 8.16 26.88 16.89
N GLY C 31 8.32 27.81 15.94
CA GLY C 31 9.54 27.95 15.15
C GLY C 31 9.43 27.52 13.69
N PHE C 32 8.23 27.16 13.25
CA PHE C 32 8.03 26.79 11.85
C PHE C 32 7.76 28.03 11.02
N SER C 33 8.12 27.96 9.74
CA SER C 33 7.91 29.06 8.82
C SER C 33 6.51 29.05 8.20
N LYS C 34 6.28 28.13 7.26
CA LYS C 34 4.99 28.07 6.55
C LYS C 34 4.27 26.76 6.87
N ILE C 35 2.94 26.80 6.83
CA ILE C 35 2.12 25.62 7.06
C ILE C 35 0.97 25.54 6.05
N LEU C 36 0.46 24.33 5.88
CA LEU C 36 -0.75 24.07 5.15
C LEU C 36 -1.53 22.97 5.87
N PHE C 37 -2.79 23.28 6.16
CA PHE C 37 -3.74 22.37 6.81
C PHE C 37 -4.80 22.03 5.78
N GLY C 38 -4.91 20.75 5.45
CA GLY C 38 -5.83 20.28 4.42
C GLY C 38 -6.68 19.14 4.94
N LEU C 39 -7.98 19.23 4.72
CA LEU C 39 -8.88 18.21 5.21
C LEU C 39 -9.97 17.92 4.19
N LEU C 40 -10.20 16.64 3.91
CA LEU C 40 -11.30 16.18 3.05
C LEU C 40 -12.37 15.46 3.88
N PRO C 41 -13.65 15.56 3.47
CA PRO C 41 -14.67 14.76 4.14
C PRO C 41 -14.55 13.27 3.83
N LYS C 42 -15.20 12.43 4.65
CA LYS C 42 -15.22 10.98 4.48
C LYS C 42 -15.70 10.58 3.08
N ASP C 43 -14.94 9.72 2.41
CA ASP C 43 -15.28 9.19 1.07
C ASP C 43 -15.25 10.27 -0.03
N SER C 44 -14.18 11.06 -0.07
CA SER C 44 -14.05 12.11 -1.08
C SER C 44 -13.62 11.55 -2.43
N GLN C 45 -14.38 11.89 -3.47
CA GLN C 45 -14.07 11.46 -4.83
C GLN C 45 -13.12 12.45 -5.51
N ASP C 46 -13.25 13.72 -5.15
CA ASP C 46 -12.38 14.78 -5.67
C ASP C 46 -11.94 15.74 -4.55
N TYR C 47 -11.76 17.01 -4.88
CA TYR C 47 -11.34 18.03 -3.92
C TYR C 47 -12.37 19.15 -3.78
N GLU C 48 -13.59 18.92 -4.26
CA GLU C 48 -14.64 19.94 -4.27
C GLU C 48 -14.94 20.48 -2.87
N ASN C 49 -15.06 19.57 -1.90
CA ASN C 49 -15.41 19.93 -0.54
C ASN C 49 -14.21 20.00 0.42
N ALA C 50 -13.00 20.06 -0.15
CA ALA C 50 -11.79 20.13 0.66
C ALA C 50 -11.69 21.43 1.44
N PHE C 51 -11.15 21.33 2.65
CA PHE C 51 -10.88 22.48 3.50
C PHE C 51 -9.37 22.69 3.53
N ILE C 52 -8.88 23.67 2.78
CA ILE C 52 -7.44 23.89 2.67
C ILE C 52 -7.09 25.30 3.11
N VAL C 53 -6.18 25.39 4.06
CA VAL C 53 -5.91 26.61 4.80
C VAL C 53 -4.44 26.70 5.23
N GLY C 54 -3.88 27.90 5.23
CA GLY C 54 -2.49 28.13 5.63
C GLY C 54 -1.82 29.25 4.87
N ASN C 55 -0.49 29.29 4.94
CA ASN C 55 0.28 30.39 4.32
C ASN C 55 1.38 29.96 3.33
N TYR C 56 1.16 28.84 2.64
CA TYR C 56 1.95 28.48 1.46
C TYR C 56 1.71 29.56 0.41
N PRO C 57 2.78 29.96 -0.34
CA PRO C 57 2.64 30.99 -1.37
C PRO C 57 1.55 30.64 -2.35
N ALA C 58 0.84 31.67 -2.84
CA ALA C 58 -0.21 31.47 -3.84
C ALA C 58 0.30 30.82 -5.14
N ALA C 59 1.49 31.22 -5.58
CA ALA C 59 2.05 30.68 -6.84
C ALA C 59 2.25 29.16 -6.74
N TRP C 60 2.76 28.71 -5.61
CA TRP C 60 3.01 27.29 -5.36
C TRP C 60 1.72 26.47 -5.24
N ARG C 61 0.71 27.01 -4.55
CA ARG C 61 -0.63 26.42 -4.50
C ARG C 61 -1.25 26.20 -5.89
N GLU C 62 -1.16 27.22 -6.76
CA GLU C 62 -1.72 27.12 -8.11
C GLU C 62 -0.93 26.12 -8.93
N HIS C 63 0.40 26.20 -8.83
CA HIS C 63 1.25 25.30 -9.59
C HIS C 63 1.05 23.83 -9.20
N TYR C 64 0.99 23.57 -7.90
CA TYR C 64 0.73 22.23 -7.38
C TYR C 64 -0.59 21.66 -7.91
N ASP C 65 -1.63 22.49 -7.91
CA ASP C 65 -2.95 22.13 -8.45
C ASP C 65 -2.91 21.86 -9.95
N ARG C 66 -2.35 22.80 -10.71
CA ARG C 66 -2.28 22.70 -12.17
C ARG C 66 -1.44 21.49 -12.62
N ALA C 67 -0.33 21.26 -11.94
CA ALA C 67 0.56 20.15 -12.28
C ALA C 67 0.02 18.79 -11.82
N GLY C 68 -1.06 18.80 -11.04
CA GLY C 68 -1.62 17.58 -10.45
C GLY C 68 -0.67 16.81 -9.54
N TYR C 69 0.13 17.53 -8.76
CA TYR C 69 1.13 16.88 -7.90
C TYR C 69 0.53 16.00 -6.81
N ALA C 70 -0.72 16.25 -6.44
CA ALA C 70 -1.41 15.43 -5.44
C ALA C 70 -1.36 13.94 -5.78
N ARG C 71 -1.28 13.64 -7.08
CA ARG C 71 -1.19 12.28 -7.57
C ARG C 71 0.17 11.62 -7.38
N VAL C 72 1.22 12.43 -7.19
CA VAL C 72 2.59 11.89 -7.07
C VAL C 72 3.29 12.23 -5.75
N ASP C 73 2.85 13.31 -5.08
CA ASP C 73 3.43 13.75 -3.80
C ASP C 73 3.54 12.54 -2.86
N PRO C 74 4.79 12.18 -2.44
CA PRO C 74 5.01 11.02 -1.55
C PRO C 74 4.38 11.17 -0.15
N THR C 75 4.20 12.41 0.31
CA THR C 75 3.58 12.65 1.61
C THR C 75 2.09 12.36 1.56
N VAL C 76 1.47 12.63 0.41
CA VAL C 76 0.04 12.35 0.23
C VAL C 76 -0.25 10.85 0.25
N SER C 77 0.50 10.07 -0.55
CA SER C 77 0.34 8.62 -0.51
C SER C 77 0.61 8.10 0.91
N HIS C 78 1.61 8.65 1.59
CA HIS C 78 1.91 8.24 2.98
C HIS C 78 0.71 8.46 3.91
N CYS C 79 0.04 9.61 3.76
CA CYS C 79 -1.12 9.96 4.58
C CYS C 79 -2.26 8.96 4.47
N THR C 80 -2.46 8.40 3.27
CA THR C 80 -3.55 7.43 3.07
C THR C 80 -3.23 6.11 3.75
N GLN C 81 -1.97 5.93 4.15
CA GLN C 81 -1.48 4.66 4.71
C GLN C 81 -1.05 4.70 6.18
N SER C 82 -0.91 5.89 6.78
CA SER C 82 -0.29 5.99 8.10
C SER C 82 -0.81 7.16 8.98
N VAL C 83 -0.59 7.05 10.28
CA VAL C 83 -0.87 8.15 11.23
C VAL C 83 0.42 8.81 11.71
N LEU C 84 1.56 8.31 11.26
CA LEU C 84 2.85 8.83 11.71
C LEU C 84 3.35 9.91 10.77
N PRO C 85 4.19 10.84 11.29
CA PRO C 85 4.75 11.90 10.45
C PRO C 85 5.71 11.35 9.40
N ILE C 86 5.72 11.99 8.23
CA ILE C 86 6.74 11.73 7.22
C ILE C 86 7.57 13.02 7.09
N PHE C 87 8.85 12.90 7.40
CA PHE C 87 9.80 14.00 7.27
C PHE C 87 10.24 14.15 5.82
N TRP C 88 10.44 15.39 5.37
CA TRP C 88 10.81 15.64 3.98
C TRP C 88 12.30 15.35 3.73
N GLU C 89 12.66 14.08 3.81
CA GLU C 89 14.02 13.60 3.55
C GLU C 89 14.17 13.27 2.08
N PRO C 90 15.39 13.46 1.51
CA PRO C 90 15.60 13.16 0.10
C PRO C 90 15.12 11.77 -0.29
N SER C 91 15.21 10.81 0.63
CA SER C 91 14.88 9.41 0.32
C SER C 91 13.39 9.14 0.07
N ILE C 92 12.52 10.10 0.42
CA ILE C 92 11.09 9.92 0.15
C ILE C 92 10.75 10.20 -1.31
N TYR C 93 11.65 10.86 -2.03
CA TYR C 93 11.45 11.18 -3.45
C TYR C 93 12.18 10.19 -4.35
N GLN C 94 11.44 9.20 -4.85
CA GLN C 94 12.05 8.05 -5.53
C GLN C 94 11.75 8.00 -7.03
N THR C 95 10.49 8.21 -7.41
CA THR C 95 10.13 8.18 -8.84
C THR C 95 10.60 9.46 -9.53
N ARG C 96 10.68 9.44 -10.86
CA ARG C 96 11.09 10.64 -11.60
C ARG C 96 10.17 11.82 -11.37
N LYS C 97 8.86 11.55 -11.31
CA LYS C 97 7.88 12.60 -11.00
C LYS C 97 8.04 13.16 -9.59
N GLN C 98 8.40 12.30 -8.63
CA GLN C 98 8.61 12.73 -7.25
C GLN C 98 9.86 13.60 -7.10
N HIS C 99 10.90 13.28 -7.88
CA HIS C 99 12.11 14.10 -7.90
CA HIS C 99 12.13 14.08 -7.92
C HIS C 99 11.84 15.46 -8.53
N GLU C 100 11.03 15.47 -9.59
CA GLU C 100 10.60 16.73 -10.20
C GLU C 100 9.82 17.58 -9.18
N PHE C 101 8.92 16.94 -8.43
CA PHE C 101 8.13 17.61 -7.39
C PHE C 101 9.03 18.21 -6.31
N PHE C 102 10.03 17.44 -5.88
CA PHE C 102 11.01 17.93 -4.92
C PHE C 102 11.71 19.20 -5.42
N GLU C 103 12.12 19.17 -6.68
CA GLU C 103 12.78 20.32 -7.30
C GLU C 103 11.88 21.55 -7.40
N GLU C 104 10.63 21.36 -7.82
CA GLU C 104 9.67 22.48 -7.90
C GLU C 104 9.37 23.04 -6.51
N ALA C 105 9.20 22.15 -5.54
CA ALA C 105 8.93 22.58 -4.17
C ALA C 105 10.09 23.40 -3.61
N SER C 106 11.31 22.91 -3.83
CA SER C 106 12.54 23.61 -3.43
C SER C 106 12.68 25.01 -4.06
N ALA C 107 12.47 25.11 -5.38
CA ALA C 107 12.46 26.40 -6.07
C ALA C 107 11.46 27.36 -5.43
N ALA C 108 10.34 26.81 -4.97
CA ALA C 108 9.31 27.59 -4.27
C ALA C 108 9.69 27.97 -2.83
N GLY C 109 10.83 27.49 -2.34
CA GLY C 109 11.34 27.84 -1.01
C GLY C 109 11.00 26.82 0.07
N LEU C 110 10.42 25.69 -0.33
CA LEU C 110 9.99 24.69 0.63
C LEU C 110 10.86 23.43 0.52
N VAL C 111 11.81 23.30 1.45
CA VAL C 111 12.82 22.25 1.34
C VAL C 111 12.86 21.36 2.59
N TYR C 112 12.89 21.98 3.77
CA TYR C 112 12.91 21.25 5.03
C TYR C 112 11.56 21.28 5.71
N GLY C 113 11.14 20.13 6.21
CA GLY C 113 9.88 20.05 6.94
C GLY C 113 9.35 18.65 7.16
N LEU C 114 8.07 18.57 7.50
CA LEU C 114 7.41 17.31 7.77
C LEU C 114 5.93 17.44 7.47
N THR C 115 5.28 16.30 7.25
CA THR C 115 3.85 16.23 7.01
C THR C 115 3.26 15.28 8.06
N MET C 116 2.29 15.78 8.82
CA MET C 116 1.56 15.00 9.82
C MET C 116 0.21 14.57 9.24
N PRO C 117 0.00 13.26 9.05
CA PRO C 117 -1.30 12.81 8.53
C PRO C 117 -2.42 13.07 9.52
N LEU C 118 -3.63 13.30 8.98
CA LEU C 118 -4.81 13.56 9.78
C LEU C 118 -5.90 12.53 9.48
N HIS C 119 -6.38 11.86 10.52
CA HIS C 119 -7.47 10.90 10.39
C HIS C 119 -8.49 11.16 11.51
N GLY C 120 -9.62 11.72 11.12
CA GLY C 120 -10.63 12.18 12.06
C GLY C 120 -11.57 11.09 12.52
N ALA C 121 -12.27 11.36 13.62
CA ALA C 121 -13.23 10.42 14.21
C ALA C 121 -14.42 10.11 13.30
N ARG C 122 -14.69 11.01 12.37
CA ARG C 122 -15.79 10.83 11.43
C ARG C 122 -15.28 10.52 10.02
N GLY C 123 -14.09 9.93 9.96
CA GLY C 123 -13.47 9.56 8.68
C GLY C 123 -12.90 10.70 7.85
N GLU C 124 -12.64 11.85 8.48
CA GLU C 124 -11.99 12.98 7.78
C GLU C 124 -10.55 12.60 7.47
N LEU C 125 -10.05 13.05 6.32
CA LEU C 125 -8.73 12.67 5.82
C LEU C 125 -7.92 13.90 5.44
N GLY C 126 -6.68 13.99 5.92
CA GLY C 126 -5.85 15.11 5.53
C GLY C 126 -4.43 15.08 6.04
N ALA C 127 -3.86 16.27 6.15
CA ALA C 127 -2.49 16.45 6.57
C ALA C 127 -2.30 17.86 7.07
N LEU C 128 -1.42 18.00 8.04
CA LEU C 128 -0.86 19.28 8.40
C LEU C 128 0.61 19.23 8.03
N SER C 129 1.01 20.12 7.14
CA SER C 129 2.39 20.18 6.65
C SER C 129 3.05 21.47 7.15
N LEU C 130 4.32 21.37 7.52
CA LEU C 130 5.03 22.50 8.11
C LEU C 130 6.46 22.52 7.58
N SER C 131 6.88 23.66 7.06
CA SER C 131 8.26 23.83 6.58
C SER C 131 9.05 24.60 7.63
N VAL C 132 10.37 24.37 7.68
CA VAL C 132 11.25 25.12 8.56
C VAL C 132 12.40 25.75 7.77
N GLU C 133 12.74 26.98 8.15
CA GLU C 133 13.89 27.67 7.58
C GLU C 133 15.15 27.24 8.36
N ALA C 134 16.18 26.81 7.64
CA ALA C 134 17.42 26.34 8.25
C ALA C 134 18.62 26.48 7.32
N GLU C 135 19.82 26.46 7.90
CA GLU C 135 21.09 26.52 7.14
C GLU C 135 21.31 25.26 6.29
N ASN C 136 20.99 24.11 6.88
CA ASN C 136 21.10 22.81 6.21
C ASN C 136 20.08 21.83 6.79
N ARG C 137 20.07 20.60 6.29
CA ARG C 137 19.07 19.59 6.70
C ARG C 137 19.29 19.07 8.12
N ALA C 138 20.56 18.92 8.51
CA ALA C 138 20.92 18.48 9.86
C ALA C 138 20.40 19.45 10.92
N GLU C 139 20.52 20.75 10.65
CA GLU C 139 19.97 21.80 11.51
C GLU C 139 18.44 21.73 11.57
N ALA C 140 17.80 21.56 10.42
CA ALA C 140 16.35 21.39 10.32
C ALA C 140 15.86 20.18 11.13
N ASN C 141 16.54 19.05 10.98
CA ASN C 141 16.20 17.82 11.73
C ASN C 141 16.33 17.96 13.23
N ARG C 142 17.35 18.69 13.68
CA ARG C 142 17.57 18.93 15.12
C ARG C 142 16.45 19.77 15.72
N PHE C 143 16.03 20.80 14.98
CA PHE C 143 14.92 21.64 15.41
C PHE C 143 13.62 20.84 15.47
N MET C 144 13.31 20.11 14.40
CA MET C 144 12.07 19.33 14.33
C MET C 144 12.01 18.27 15.43
N GLU C 145 13.13 17.60 15.67
CA GLU C 145 13.23 16.63 16.76
C GLU C 145 12.93 17.27 18.13
N SER C 146 13.37 18.51 18.31
CA SER C 146 13.20 19.21 19.58
C SER C 146 11.76 19.65 19.85
N VAL C 147 10.96 19.86 18.80
CA VAL C 147 9.59 20.34 18.98
C VAL C 147 8.51 19.30 18.63
N LEU C 148 8.94 18.08 18.30
CA LEU C 148 8.04 17.02 17.82
C LEU C 148 6.91 16.64 18.80
N PRO C 149 7.22 16.49 20.11
CA PRO C 149 6.14 16.15 21.05
C PRO C 149 5.04 17.20 21.07
N THR C 150 5.41 18.48 20.98
CA THR C 150 4.43 19.57 20.95
C THR C 150 3.62 19.57 19.65
N LEU C 151 4.28 19.40 18.51
CA LEU C 151 3.61 19.31 17.21
C LEU C 151 2.64 18.12 17.14
N TRP C 152 3.04 17.00 17.75
CA TRP C 152 2.25 15.78 17.73
C TRP C 152 0.90 15.98 18.44
N MET C 153 0.91 16.80 19.49
CA MET C 153 -0.33 17.18 20.18
C MET C 153 -1.13 18.20 19.37
N LEU C 154 -0.44 19.23 18.86
CA LEU C 154 -1.07 20.28 18.05
C LEU C 154 -1.86 19.74 16.84
N LYS C 155 -1.30 18.77 16.12
CA LYS C 155 -1.97 18.20 14.93
C LYS C 155 -3.34 17.57 15.26
N ASP C 156 -3.46 16.91 16.41
CA ASP C 156 -4.76 16.33 16.80
C ASP C 156 -5.75 17.42 17.29
N TYR C 157 -5.23 18.43 17.98
CA TYR C 157 -6.06 19.57 18.36
C TYR C 157 -6.59 20.31 17.13
N ALA C 158 -5.71 20.53 16.15
CA ALA C 158 -6.07 21.25 14.93
C ALA C 158 -7.08 20.43 14.13
N LEU C 159 -6.88 19.12 14.11
CA LEU C 159 -7.79 18.21 13.45
C LEU C 159 -9.19 18.23 14.11
N GLN C 160 -9.25 18.08 15.43
CA GLN C 160 -10.55 18.06 16.11
C GLN C 160 -11.33 19.36 15.89
N SER C 161 -10.64 20.48 16.08
CA SER C 161 -11.23 21.81 15.93
C SER C 161 -11.57 22.07 14.47
N GLY C 162 -10.60 21.76 13.59
CA GLY C 162 -10.76 21.99 12.15
C GLY C 162 -11.90 21.25 11.50
N ALA C 163 -12.06 19.97 11.85
CA ALA C 163 -13.13 19.13 11.36
C ALA C 163 -14.50 19.74 11.67
N GLY C 164 -14.64 20.27 12.88
CA GLY C 164 -15.86 20.94 13.33
C GLY C 164 -16.18 22.20 12.55
N LEU C 165 -15.16 23.00 12.25
CA LEU C 165 -15.34 24.22 11.46
C LEU C 165 -15.61 23.92 9.98
N ALA C 166 -14.85 22.97 9.42
CA ALA C 166 -14.91 22.65 8.00
C ALA C 166 -16.23 22.06 7.55
N PHE C 167 -16.81 21.19 8.38
CA PHE C 167 -17.94 20.37 7.95
C PHE C 167 -19.18 20.43 8.87
N GLU C 168 -19.23 21.47 9.70
CA GLU C 168 -20.37 21.72 10.59
C GLU C 168 -20.48 23.21 10.90
N LEU D 3 11.85 5.98 22.02
CA LEU D 3 10.43 5.78 21.62
C LEU D 3 10.36 5.14 20.24
N VAL D 4 11.03 5.76 19.26
CA VAL D 4 11.09 5.20 17.91
C VAL D 4 11.72 3.81 17.99
N ASP D 5 12.66 3.64 18.92
CA ASP D 5 13.23 2.34 19.29
C ASP D 5 12.14 1.36 19.74
N GLY D 6 11.23 1.84 20.59
CA GLY D 6 10.11 1.04 21.06
C GLY D 6 9.22 0.60 19.92
N PHE D 7 8.86 1.56 19.07
CA PHE D 7 8.11 1.28 17.84
C PHE D 7 8.83 0.25 16.96
N LEU D 8 10.15 0.40 16.84
CA LEU D 8 10.98 -0.53 16.08
C LEU D 8 10.84 -1.96 16.65
N GLU D 9 10.92 -2.08 17.98
CA GLU D 9 10.78 -3.38 18.65
C GLU D 9 9.42 -4.01 18.41
N LEU D 10 8.37 -3.19 18.42
CA LEU D 10 7.00 -3.63 18.12
C LEU D 10 6.91 -4.19 16.70
N GLU D 11 7.53 -3.49 15.75
CA GLU D 11 7.61 -3.91 14.35
C GLU D 11 8.40 -5.21 14.19
N ARG D 12 9.55 -5.27 14.87
CA ARG D 12 10.45 -6.43 14.83
C ARG D 12 9.84 -7.69 15.46
N SER D 13 8.92 -7.51 16.41
CA SER D 13 8.33 -8.63 17.15
C SER D 13 7.39 -9.49 16.30
N SER D 14 7.06 -10.67 16.80
CA SER D 14 6.07 -11.53 16.15
C SER D 14 5.09 -12.09 17.16
N GLY D 15 3.80 -11.97 16.84
CA GLY D 15 2.74 -12.51 17.67
C GLY D 15 2.11 -11.47 18.59
N LYS D 16 0.79 -11.57 18.70
CA LYS D 16 -0.03 -10.80 19.63
C LYS D 16 0.60 -10.70 21.02
N LEU D 17 1.24 -11.78 21.46
CA LEU D 17 1.78 -11.91 22.81
C LEU D 17 3.02 -11.06 23.07
N GLU D 18 4.02 -11.15 22.18
CA GLU D 18 5.26 -10.39 22.32
C GLU D 18 5.06 -8.88 22.11
N TRP D 19 4.23 -8.51 21.13
CA TRP D 19 3.90 -7.12 20.83
C TRP D 19 3.32 -6.43 22.06
N SER D 20 2.30 -7.05 22.66
CA SER D 20 1.65 -6.55 23.87
C SER D 20 2.62 -6.40 25.04
N ALA D 21 3.51 -7.36 25.22
CA ALA D 21 4.48 -7.32 26.32
C ALA D 21 5.43 -6.13 26.17
N ILE D 22 5.84 -5.86 24.94
CA ILE D 22 6.65 -4.68 24.64
C ILE D 22 5.88 -3.38 24.92
N LEU D 23 4.63 -3.29 24.46
CA LEU D 23 3.84 -2.08 24.70
C LEU D 23 3.67 -1.83 26.21
N GLN D 24 3.36 -2.90 26.96
CA GLN D 24 3.18 -2.82 28.42
C GLN D 24 4.43 -2.34 29.11
N LYS D 25 5.59 -2.81 28.66
CA LYS D 25 6.87 -2.37 29.21
C LYS D 25 7.14 -0.89 28.93
N MET D 26 6.78 -0.44 27.73
CA MET D 26 6.94 0.98 27.38
C MET D 26 6.05 1.85 28.28
N ALA D 27 4.83 1.36 28.53
CA ALA D 27 3.89 2.09 29.37
C ALA D 27 4.36 2.11 30.82
N SER D 28 4.84 0.96 31.29
CA SER D 28 5.40 0.82 32.64
C SER D 28 6.64 1.70 32.82
N ASP D 29 7.51 1.72 31.82
CA ASP D 29 8.71 2.59 31.87
C ASP D 29 8.36 4.06 31.98
N LEU D 30 7.19 4.42 31.45
CA LEU D 30 6.69 5.79 31.52
C LEU D 30 5.90 6.06 32.80
N GLY D 31 5.60 5.00 33.55
CA GLY D 31 4.96 5.13 34.86
C GLY D 31 3.50 4.70 34.97
N PHE D 32 3.00 3.98 33.97
CA PHE D 32 1.64 3.47 33.98
C PHE D 32 1.67 1.95 34.15
N SER D 33 1.03 1.43 35.20
CA SER D 33 1.15 -0.01 35.49
C SER D 33 0.19 -0.90 34.72
N LYS D 34 -0.97 -0.38 34.31
CA LYS D 34 -1.97 -1.18 33.58
C LYS D 34 -2.40 -0.46 32.31
N ILE D 35 -2.47 -1.21 31.21
CA ILE D 35 -2.90 -0.66 29.93
C ILE D 35 -3.80 -1.63 29.20
N LEU D 36 -4.67 -1.06 28.35
CA LEU D 36 -5.47 -1.84 27.42
C LEU D 36 -5.48 -1.20 26.02
N PHE D 37 -5.07 -1.98 25.04
CA PHE D 37 -5.09 -1.55 23.64
C PHE D 37 -6.20 -2.35 22.97
N GLY D 38 -7.19 -1.62 22.46
CA GLY D 38 -8.34 -2.21 21.79
C GLY D 38 -8.56 -1.58 20.42
N LEU D 39 -8.93 -2.41 19.45
CA LEU D 39 -9.04 -1.95 18.06
C LEU D 39 -10.05 -2.79 17.28
N LEU D 40 -10.99 -2.09 16.65
CA LEU D 40 -12.02 -2.68 15.78
C LEU D 40 -11.74 -2.30 14.32
N PRO D 41 -12.11 -3.19 13.37
CA PRO D 41 -11.89 -2.86 11.96
C PRO D 41 -12.95 -1.89 11.44
N LYS D 42 -12.65 -1.26 10.31
CA LYS D 42 -13.57 -0.36 9.62
C LYS D 42 -14.96 -0.96 9.57
N ASP D 43 -15.94 -0.23 10.10
CA ASP D 43 -17.33 -0.69 10.20
C ASP D 43 -17.44 -1.98 11.01
N SER D 44 -17.88 -1.86 12.26
CA SER D 44 -18.03 -3.04 13.12
C SER D 44 -19.45 -3.20 13.62
N GLN D 45 -19.99 -4.41 13.45
CA GLN D 45 -21.32 -4.77 13.93
C GLN D 45 -21.35 -4.84 15.45
N ASP D 46 -20.29 -5.39 16.04
CA ASP D 46 -20.17 -5.56 17.49
C ASP D 46 -18.70 -5.56 17.92
N TYR D 47 -18.26 -6.66 18.55
CA TYR D 47 -16.88 -6.81 19.01
C TYR D 47 -16.33 -8.18 18.65
N GLU D 48 -16.90 -8.80 17.62
CA GLU D 48 -16.50 -10.14 17.18
C GLU D 48 -15.12 -10.13 16.52
N ASN D 49 -14.78 -9.02 15.88
CA ASN D 49 -13.49 -8.86 15.22
C ASN D 49 -12.54 -7.94 16.01
N ALA D 50 -12.81 -7.81 17.31
CA ALA D 50 -12.02 -6.92 18.16
C ALA D 50 -10.64 -7.48 18.48
N PHE D 51 -9.64 -6.62 18.38
CA PHE D 51 -8.28 -6.94 18.80
C PHE D 51 -8.05 -6.23 20.12
N ILE D 52 -8.15 -6.97 21.22
CA ILE D 52 -7.98 -6.39 22.55
C ILE D 52 -6.77 -7.02 23.23
N VAL D 53 -5.84 -6.17 23.66
CA VAL D 53 -4.59 -6.66 24.23
C VAL D 53 -4.16 -5.77 25.40
N GLY D 54 -3.47 -6.36 26.39
CA GLY D 54 -2.93 -5.58 27.53
C GLY D 54 -2.84 -6.35 28.83
N ASN D 55 -2.73 -5.62 29.95
CA ASN D 55 -2.57 -6.24 31.27
C ASN D 55 -3.58 -5.80 32.34
N TYR D 56 -4.76 -5.34 31.93
CA TYR D 56 -5.91 -5.25 32.84
C TYR D 56 -6.16 -6.63 33.50
N PRO D 57 -6.60 -6.64 34.77
CA PRO D 57 -6.90 -7.92 35.46
C PRO D 57 -7.96 -8.74 34.71
N ALA D 58 -7.78 -10.05 34.70
CA ALA D 58 -8.71 -10.95 33.98
C ALA D 58 -10.15 -10.85 34.49
N ALA D 59 -10.33 -10.80 35.80
CA ALA D 59 -11.66 -10.70 36.41
C ALA D 59 -12.40 -9.45 35.94
N TRP D 60 -11.67 -8.35 35.76
CA TRP D 60 -12.25 -7.11 35.26
C TRP D 60 -12.59 -7.18 33.76
N ARG D 61 -11.66 -7.73 32.97
CA ARG D 61 -11.97 -8.04 31.57
C ARG D 61 -13.25 -8.87 31.44
N GLU D 62 -13.36 -9.95 32.21
CA GLU D 62 -14.54 -10.82 32.20
C GLU D 62 -15.80 -10.04 32.57
N HIS D 63 -15.73 -9.37 33.72
CA HIS D 63 -16.85 -8.60 34.27
C HIS D 63 -17.34 -7.47 33.34
N TYR D 64 -16.41 -6.80 32.67
CA TYR D 64 -16.74 -5.72 31.73
C TYR D 64 -17.53 -6.26 30.54
N ASP D 65 -17.07 -7.40 30.00
CA ASP D 65 -17.75 -8.11 28.91
C ASP D 65 -19.11 -8.63 29.35
N ARG D 66 -19.15 -9.23 30.54
CA ARG D 66 -20.39 -9.81 31.07
C ARG D 66 -21.41 -8.74 31.44
N ALA D 67 -20.97 -7.65 32.07
CA ALA D 67 -21.85 -6.56 32.49
C ALA D 67 -22.32 -5.65 31.34
N GLY D 68 -21.78 -5.87 30.14
CA GLY D 68 -22.12 -5.04 28.97
C GLY D 68 -21.68 -3.59 29.06
N TYR D 69 -20.59 -3.34 29.78
CA TYR D 69 -20.11 -1.98 30.05
C TYR D 69 -19.70 -1.14 28.85
N ALA D 70 -19.43 -1.77 27.70
CA ALA D 70 -19.07 -1.04 26.50
C ALA D 70 -20.13 -0.01 26.14
N ARG D 71 -21.36 -0.25 26.59
CA ARG D 71 -22.49 0.61 26.29
C ARG D 71 -22.69 1.68 27.36
N VAL D 72 -21.93 1.61 28.44
CA VAL D 72 -22.07 2.57 29.54
C VAL D 72 -20.83 3.44 29.68
N ASP D 73 -19.66 2.80 29.73
CA ASP D 73 -18.34 3.43 29.68
C ASP D 73 -18.34 4.76 28.89
N PRO D 74 -18.11 5.90 29.59
CA PRO D 74 -18.20 7.16 28.85
C PRO D 74 -17.00 7.41 27.93
N THR D 75 -15.93 6.63 28.04
CA THR D 75 -14.77 6.78 27.17
C THR D 75 -15.05 6.22 25.78
N VAL D 76 -15.90 5.20 25.70
CA VAL D 76 -16.22 4.56 24.44
C VAL D 76 -16.95 5.49 23.47
N SER D 77 -18.02 6.14 23.93
CA SER D 77 -18.74 7.10 23.09
C SER D 77 -17.86 8.28 22.68
N HIS D 78 -17.01 8.74 23.61
CA HIS D 78 -16.03 9.80 23.31
C HIS D 78 -15.11 9.43 22.13
N CYS D 79 -14.60 8.20 22.14
CA CYS D 79 -13.70 7.72 21.09
C CYS D 79 -14.33 7.79 19.70
N THR D 80 -15.64 7.59 19.64
CA THR D 80 -16.33 7.64 18.35
C THR D 80 -16.50 9.09 17.88
N GLN D 81 -16.27 10.05 18.77
CA GLN D 81 -16.50 11.47 18.47
C GLN D 81 -15.22 12.32 18.38
N SER D 82 -14.08 11.79 18.81
CA SER D 82 -12.93 12.66 18.99
C SER D 82 -11.58 11.95 18.84
N VAL D 83 -10.57 12.73 18.48
CA VAL D 83 -9.17 12.27 18.49
C VAL D 83 -8.43 12.69 19.78
N LEU D 84 -9.09 13.44 20.64
CA LEU D 84 -8.42 13.95 21.86
C LEU D 84 -8.55 13.01 23.07
N PRO D 85 -7.51 12.95 23.95
CA PRO D 85 -7.63 12.13 25.16
C PRO D 85 -8.82 12.54 26.03
N ILE D 86 -9.42 11.56 26.70
CA ILE D 86 -10.38 11.82 27.76
C ILE D 86 -9.82 11.30 29.07
N PHE D 87 -9.63 12.20 30.03
CA PHE D 87 -9.11 11.82 31.34
C PHE D 87 -10.23 11.22 32.18
N TRP D 88 -9.87 10.30 33.08
CA TRP D 88 -10.88 9.65 33.94
C TRP D 88 -11.21 10.60 35.10
N GLU D 89 -11.80 11.74 34.76
CA GLU D 89 -12.23 12.74 35.74
C GLU D 89 -13.63 12.40 36.24
N PRO D 90 -13.95 12.77 37.50
CA PRO D 90 -15.26 12.49 38.10
C PRO D 90 -16.44 12.96 37.27
N SER D 91 -16.29 14.04 36.52
CA SER D 91 -17.40 14.60 35.75
C SER D 91 -17.78 13.81 34.49
N ILE D 92 -16.93 12.86 34.05
CA ILE D 92 -17.29 12.02 32.89
C ILE D 92 -18.33 10.95 33.27
N TYR D 93 -18.45 10.70 34.56
CA TYR D 93 -19.39 9.71 35.08
C TYR D 93 -20.66 10.44 35.55
N GLN D 94 -21.65 10.48 34.68
CA GLN D 94 -22.88 11.25 34.92
C GLN D 94 -24.05 10.38 35.37
N THR D 95 -24.51 9.47 34.50
CA THR D 95 -25.69 8.63 34.79
C THR D 95 -25.47 7.60 35.92
N ARG D 96 -26.50 6.82 36.19
CA ARG D 96 -26.51 5.81 37.28
C ARG D 96 -25.44 4.73 37.13
N LYS D 97 -25.49 4.04 35.99
CA LYS D 97 -24.59 2.91 35.73
C LYS D 97 -23.15 3.35 35.45
N GLN D 98 -22.97 4.65 35.18
CA GLN D 98 -21.65 5.24 35.04
C GLN D 98 -20.98 5.41 36.40
N HIS D 99 -21.75 5.81 37.40
CA HIS D 99 -21.23 5.86 38.77
C HIS D 99 -20.90 4.46 39.25
N GLU D 100 -21.74 3.50 38.87
CA GLU D 100 -21.52 2.10 39.14
C GLU D 100 -20.23 1.62 38.48
N PHE D 101 -20.15 1.81 37.15
CA PHE D 101 -18.94 1.54 36.38
C PHE D 101 -17.68 2.11 37.03
N PHE D 102 -17.71 3.38 37.45
CA PHE D 102 -16.60 3.97 38.20
C PHE D 102 -16.23 3.18 39.45
N GLU D 103 -17.24 2.80 40.24
CA GLU D 103 -17.03 2.01 41.45
C GLU D 103 -16.50 0.62 41.15
N GLU D 104 -17.07 -0.03 40.13
CA GLU D 104 -16.61 -1.36 39.71
C GLU D 104 -15.17 -1.33 39.22
N ALA D 105 -14.83 -0.35 38.38
CA ALA D 105 -13.47 -0.17 37.90
C ALA D 105 -12.50 0.10 39.07
N SER D 106 -12.93 0.95 40.00
CA SER D 106 -12.14 1.28 41.18
C SER D 106 -11.93 0.06 42.08
N ALA D 107 -13.00 -0.71 42.29
CA ALA D 107 -12.94 -1.98 43.04
C ALA D 107 -12.00 -2.96 42.36
N ALA D 108 -12.03 -2.98 41.03
CA ALA D 108 -11.13 -3.83 40.24
C ALA D 108 -9.69 -3.30 40.22
N GLY D 109 -9.49 -2.09 40.74
CA GLY D 109 -8.15 -1.51 40.85
C GLY D 109 -7.83 -0.35 39.90
N LEU D 110 -8.77 0.01 39.03
CA LEU D 110 -8.52 1.03 38.03
C LEU D 110 -9.30 2.32 38.31
N VAL D 111 -8.62 3.33 38.83
CA VAL D 111 -9.31 4.55 39.27
C VAL D 111 -8.78 5.83 38.60
N TYR D 112 -7.47 5.93 38.46
CA TYR D 112 -6.84 7.08 37.81
C TYR D 112 -6.27 6.68 36.46
N GLY D 113 -6.45 7.54 35.46
CA GLY D 113 -5.98 7.21 34.12
C GLY D 113 -6.59 8.07 33.03
N LEU D 114 -6.41 7.63 31.80
CA LEU D 114 -6.89 8.33 30.62
C LEU D 114 -7.09 7.33 29.49
N THR D 115 -7.88 7.73 28.51
CA THR D 115 -8.17 6.91 27.33
C THR D 115 -7.86 7.80 26.12
N MET D 116 -6.96 7.30 25.27
CA MET D 116 -6.52 7.99 24.08
C MET D 116 -7.21 7.31 22.89
N PRO D 117 -8.13 8.03 22.22
CA PRO D 117 -8.85 7.43 21.09
C PRO D 117 -7.92 7.10 19.93
N LEU D 118 -8.27 6.07 19.18
CA LEU D 118 -7.43 5.64 18.08
C LEU D 118 -8.27 5.62 16.82
N HIS D 119 -7.72 6.21 15.77
CA HIS D 119 -8.39 6.30 14.46
C HIS D 119 -7.34 6.06 13.37
N GLY D 120 -7.31 4.82 12.85
CA GLY D 120 -6.30 4.41 11.89
C GLY D 120 -6.54 4.96 10.49
N ALA D 121 -5.52 4.84 9.65
CA ALA D 121 -5.60 5.31 8.25
C ALA D 121 -6.60 4.49 7.41
N ARG D 122 -6.92 3.28 7.85
CA ARG D 122 -7.87 2.42 7.12
C ARG D 122 -9.22 2.25 7.84
N GLY D 123 -9.55 3.20 8.70
CA GLY D 123 -10.84 3.22 9.38
C GLY D 123 -10.90 2.41 10.67
N GLU D 124 -9.78 1.84 11.08
CA GLU D 124 -9.67 1.19 12.39
C GLU D 124 -10.10 2.15 13.47
N LEU D 125 -10.81 1.62 14.46
CA LEU D 125 -11.35 2.40 15.57
C LEU D 125 -11.01 1.74 16.90
N GLY D 126 -10.63 2.56 17.88
CA GLY D 126 -10.31 2.02 19.20
C GLY D 126 -9.81 3.03 20.20
N ALA D 127 -9.00 2.53 21.11
CA ALA D 127 -8.45 3.34 22.19
C ALA D 127 -7.24 2.67 22.79
N LEU D 128 -6.32 3.50 23.26
CA LEU D 128 -5.31 3.08 24.21
C LEU D 128 -5.66 3.67 25.58
N SER D 129 -6.04 2.79 26.52
CA SER D 129 -6.27 3.21 27.92
C SER D 129 -5.08 2.90 28.83
N LEU D 130 -4.79 3.83 29.73
CA LEU D 130 -3.68 3.66 30.65
C LEU D 130 -4.12 4.13 32.03
N SER D 131 -3.78 3.33 33.04
CA SER D 131 -4.07 3.69 34.43
C SER D 131 -2.78 3.89 35.20
N VAL D 132 -2.83 4.79 36.18
CA VAL D 132 -1.68 5.10 37.01
C VAL D 132 -2.02 4.86 38.48
N GLU D 133 -1.08 4.24 39.19
CA GLU D 133 -1.14 4.07 40.63
C GLU D 133 -0.77 5.40 41.27
N ALA D 134 -1.69 5.96 42.06
CA ALA D 134 -1.43 7.23 42.74
C ALA D 134 -2.15 7.31 44.10
N GLU D 135 -1.66 8.20 44.96
CA GLU D 135 -2.22 8.40 46.31
C GLU D 135 -3.59 9.06 46.28
N ASN D 136 -3.81 9.90 45.27
CA ASN D 136 -5.08 10.59 45.04
C ASN D 136 -5.11 11.13 43.61
N ARG D 137 -6.27 11.63 43.17
CA ARG D 137 -6.42 12.16 41.80
C ARG D 137 -5.53 13.37 41.46
N ALA D 138 -5.28 14.23 42.46
CA ALA D 138 -4.40 15.39 42.27
C ALA D 138 -2.95 14.99 41.96
N GLU D 139 -2.46 13.97 42.67
CA GLU D 139 -1.14 13.39 42.39
C GLU D 139 -1.13 12.73 41.00
N ALA D 140 -2.21 12.01 40.68
CA ALA D 140 -2.35 11.32 39.41
C ALA D 140 -2.32 12.27 38.23
N ASN D 141 -3.08 13.37 38.34
CA ASN D 141 -3.16 14.37 37.27
C ASN D 141 -1.86 15.13 37.03
N ARG D 142 -1.15 15.45 38.11
CA ARG D 142 0.15 16.10 37.99
C ARG D 142 1.15 15.19 37.28
N PHE D 143 1.10 13.89 37.58
CA PHE D 143 1.97 12.96 36.91
C PHE D 143 1.63 12.82 35.42
N MET D 144 0.35 12.59 35.12
CA MET D 144 -0.12 12.39 33.74
C MET D 144 0.18 13.61 32.85
N GLU D 145 0.00 14.82 33.39
CA GLU D 145 0.31 16.02 32.62
C GLU D 145 1.79 16.13 32.26
N SER D 146 2.65 15.72 33.19
CA SER D 146 4.10 15.76 32.95
C SER D 146 4.58 14.78 31.85
N VAL D 147 3.80 13.74 31.57
CA VAL D 147 4.21 12.73 30.57
C VAL D 147 3.34 12.72 29.32
N LEU D 148 2.30 13.55 29.32
CA LEU D 148 1.32 13.58 28.24
C LEU D 148 1.89 13.73 26.81
N PRO D 149 2.89 14.63 26.60
CA PRO D 149 3.42 14.74 25.23
C PRO D 149 3.99 13.43 24.71
N THR D 150 4.71 12.71 25.57
CA THR D 150 5.31 11.41 25.21
C THR D 150 4.21 10.37 24.93
N LEU D 151 3.15 10.41 25.74
CA LEU D 151 2.03 9.50 25.61
C LEU D 151 1.27 9.73 24.30
N TRP D 152 1.13 11.00 23.94
CA TRP D 152 0.40 11.39 22.75
C TRP D 152 1.07 10.83 21.49
N MET D 153 2.40 10.76 21.51
CA MET D 153 3.16 10.14 20.43
C MET D 153 3.04 8.61 20.48
N LEU D 154 3.08 8.06 21.69
CA LEU D 154 3.01 6.62 21.90
C LEU D 154 1.74 5.99 21.31
N LYS D 155 0.59 6.63 21.54
CA LYS D 155 -0.67 6.05 21.08
C LYS D 155 -0.71 5.87 19.55
N ASP D 156 -0.10 6.80 18.81
CA ASP D 156 -0.07 6.72 17.34
C ASP D 156 0.91 5.68 16.81
N TYR D 157 2.07 5.55 17.44
CA TYR D 157 2.99 4.44 17.15
C TYR D 157 2.31 3.09 17.40
N ALA D 158 1.61 2.98 18.53
CA ALA D 158 0.93 1.74 18.91
C ALA D 158 -0.16 1.43 17.93
N LEU D 159 -0.90 2.47 17.55
CA LEU D 159 -1.93 2.35 16.52
C LEU D 159 -1.34 1.85 15.19
N GLN D 160 -0.27 2.49 14.72
CA GLN D 160 0.31 2.15 13.42
C GLN D 160 0.82 0.71 13.39
N SER D 161 1.61 0.34 14.40
CA SER D 161 2.11 -1.02 14.55
C SER D 161 0.97 -2.02 14.75
N GLY D 162 0.09 -1.73 15.69
CA GLY D 162 -1.01 -2.62 16.05
C GLY D 162 -2.06 -2.92 15.01
N ALA D 163 -2.45 -1.91 14.22
CA ALA D 163 -3.51 -2.08 13.20
C ALA D 163 -3.23 -3.20 12.21
N GLY D 164 -1.97 -3.32 11.79
CA GLY D 164 -1.57 -4.36 10.83
C GLY D 164 -1.61 -5.74 11.47
N LEU D 165 -1.15 -5.81 12.72
CA LEU D 165 -1.18 -7.05 13.50
C LEU D 165 -2.61 -7.55 13.66
N ALA D 166 -3.54 -6.62 13.86
CA ALA D 166 -4.94 -6.95 14.06
C ALA D 166 -5.64 -7.43 12.79
N PHE D 167 -5.45 -6.71 11.68
CA PHE D 167 -6.34 -6.89 10.53
C PHE D 167 -5.67 -7.26 9.20
N GLU D 168 -4.37 -7.55 9.24
CA GLU D 168 -3.60 -7.74 8.01
C GLU D 168 -2.75 -9.02 8.03
O18 TX7 E . 14.23 3.31 -28.68
N16 TX7 E . 14.04 2.13 -28.93
O19 TX7 E . 13.29 1.77 -30.04
C15 TX7 E . 14.65 1.13 -28.17
C14 TX7 E . 15.94 1.36 -27.67
C13 TX7 E . 16.58 0.37 -26.94
C12 TX7 E . 15.97 -0.87 -26.70
C11 TX7 E . 14.68 -1.14 -27.19
C10 TX7 E . 14.00 -0.18 -27.94
C9 TX7 E . 12.62 -0.50 -28.41
O17 TX7 E . 11.70 0.20 -28.02
N8 TX7 E . 12.44 -1.49 -29.19
C7 TX7 E . 11.15 -1.93 -29.66
C6 TX7 E . 10.69 -1.28 -30.93
C5 TX7 E . 11.00 0.02 -31.31
C4 TX7 E . 10.49 0.52 -32.51
BR2 TX7 E . 10.95 2.25 -33.01
C3 TX7 E . 9.63 -0.19 -33.35
C2 TX7 E . 9.28 -1.48 -33.02
BR TX7 E . 8.14 -2.57 -34.06
C1 TX7 E . 9.72 -2.04 -31.73
O20 TX7 E . 9.85 -3.44 -31.67
C21 TX7 E . 8.70 -3.93 -30.94
O22 TX7 E . 7.87 -3.17 -30.43
C25 TX7 E . 8.61 -5.40 -30.82
C30 TX7 E . 8.39 -5.92 -29.55
C26 TX7 E . 8.78 -6.22 -31.94
C27 TX7 E . 8.70 -7.61 -31.77
C28 TX7 E . 8.48 -8.12 -30.49
C29 TX7 E . 8.32 -7.29 -29.39
BR1 TX7 E . 8.38 -9.97 -30.19
O18 TX7 F . -7.81 -24.81 -3.15
N16 TX7 F . -7.92 -24.77 -4.37
O19 TX7 F . -7.44 -25.83 -5.12
C15 TX7 F . -8.55 -23.70 -5.04
C14 TX7 F . -9.68 -23.09 -4.49
C13 TX7 F . -10.30 -22.02 -5.16
C12 TX7 F . -9.82 -21.58 -6.40
C11 TX7 F . -8.70 -22.17 -6.99
C10 TX7 F . -8.06 -23.24 -6.36
C9 TX7 F . -6.82 -23.80 -7.01
O17 TX7 F . -5.77 -23.67 -6.40
N8 TX7 F . -6.90 -24.34 -8.14
C7 TX7 F . -5.78 -24.87 -8.91
C6 TX7 F . -5.47 -26.34 -8.70
C5 TX7 F . -5.67 -26.98 -7.50
C4 TX7 F . -5.31 -28.32 -7.36
BR2 TX7 F . -5.62 -29.16 -5.73
C3 TX7 F . -4.74 -29.07 -8.39
C2 TX7 F . -4.51 -28.46 -9.62
BR TX7 F . -3.74 -29.38 -11.06
C1 TX7 F . -4.79 -27.03 -9.80
O20 TX7 F . -5.17 -26.65 -11.11
C21 TX7 F . -4.01 -26.05 -11.73
O22 TX7 F . -2.98 -25.90 -11.09
C25 TX7 F . -4.16 -25.61 -13.13
C30 TX7 F . -3.79 -24.30 -13.42
C26 TX7 F . -4.66 -26.47 -14.10
C27 TX7 F . -4.78 -26.01 -15.40
C28 TX7 F . -4.40 -24.69 -15.70
C29 TX7 F . -3.91 -23.84 -14.72
BR1 TX7 F . -4.55 -24.00 -17.44
O18 TX7 G . 5.93 22.33 -0.19
N16 TX7 G . 5.26 21.32 -0.31
O19 TX7 G . 4.03 21.41 -0.89
C15 TX7 G . 5.74 20.06 0.10
C14 TX7 G . 7.09 19.74 -0.04
C13 TX7 G . 7.56 18.48 0.36
C12 TX7 G . 6.69 17.53 0.90
C11 TX7 G . 5.33 17.81 1.06
C10 TX7 G . 4.81 19.05 0.67
C9 TX7 G . 3.34 19.32 0.89
O17 TX7 G . 3.06 20.25 1.65
N8 TX7 G . 2.46 18.60 0.33
C7 TX7 G . 1.01 18.69 0.49
C6 TX7 G . 0.27 19.70 -0.36
C5 TX7 G . 0.87 20.81 -0.92
C4 TX7 G . 0.10 21.73 -1.66
BR2 TX7 G . 1.00 23.18 -2.41
C3 TX7 G . -1.27 21.60 -1.86
C2 TX7 G . -1.92 20.51 -1.32
BR TX7 G . -3.76 20.24 -1.50
C1 TX7 G . -1.20 19.54 -0.47
O20 TX7 G . -1.69 18.22 -0.52
C21 TX7 G . -2.43 18.03 0.70
O22 TX7 G . -2.54 18.94 1.52
C25 TX7 G . -3.04 16.71 0.97
C30 TX7 G . -2.86 16.15 2.22
C26 TX7 G . -3.77 16.07 -0.05
C27 TX7 G . -4.32 14.83 0.21
C28 TX7 G . -4.14 14.27 1.49
C29 TX7 G . -3.42 14.91 2.49
BR1 TX7 G . -4.87 12.59 1.89
O18 TX7 H . -10.70 0.40 33.88
N16 TX7 H . -11.38 0.68 32.92
O19 TX7 H . -11.86 -0.31 32.08
C15 TX7 H . -11.76 2.01 32.67
C14 TX7 H . -12.11 2.86 33.72
C13 TX7 H . -12.50 4.17 33.44
C12 TX7 H . -12.56 4.66 32.14
C11 TX7 H . -12.22 3.84 31.06
C10 TX7 H . -11.83 2.52 31.28
C9 TX7 H . -11.44 1.68 30.10
O17 TX7 H . -10.29 1.27 30.03
N8 TX7 H . -12.30 1.43 29.23
C7 TX7 H . -12.00 0.68 28.02
C6 TX7 H . -12.23 -0.82 28.10
C5 TX7 H . -12.05 -1.57 29.25
C4 TX7 H . -12.26 -2.95 29.22
BR2 TX7 H . -12.03 -3.90 30.81
C3 TX7 H . -12.63 -3.64 28.08
C2 TX7 H . -12.82 -2.94 26.90
BR TX7 H . -13.30 -3.78 25.29
C1 TX7 H . -12.55 -1.50 26.83
O20 TX7 H . -13.38 -0.76 25.95
C21 TX7 H . -12.49 -0.42 24.86
O22 TX7 H . -11.31 -0.73 24.89
C25 TX7 H . -13.02 0.31 23.68
C30 TX7 H . -12.29 1.41 23.25
C26 TX7 H . -14.20 -0.11 23.08
C27 TX7 H . -14.66 0.61 21.99
C28 TX7 H . -13.92 1.71 21.55
C29 TX7 H . -12.74 2.12 22.16
BR1 TX7 H . -14.52 2.70 20.08
#